data_7EMR
#
_entry.id   7EMR
#
_cell.length_a   85.060
_cell.length_b   85.060
_cell.length_c   84.087
_cell.angle_alpha   90.000
_cell.angle_beta   90.000
_cell.angle_gamma   90.000
#
_symmetry.space_group_name_H-M   'P 41'
#
loop_
_entity.id
_entity.type
_entity.pdbx_description
1 polymer 'Heme acquisition protein HasAp'
2 non-polymer Co-5,10,15,20-Tetraphenylporphyrin
3 non-polymer '2-[N-CYCLOHEXYLAMINO]ETHANE SULFONIC ACID'
4 non-polymer GLYCEROL
5 non-polymer 'PHOSPHATE ION'
6 non-polymer '3-CYCLOHEXYL-1-PROPYLSULFONIC ACID'
7 water water
#
_entity_poly.entity_id   1
_entity_poly.type   'polypeptide(L)'
_entity_poly.pdbx_seq_one_letter_code
;MSISISYSTTYSGWTVADYLADWSAYFGDVNHRPGQVVDGSNTGGFNPGPFDGSQYALKSTASDAAFIAGGDLHYTLFSN
PSHTLWGKLDSIALGDTLTGGASSGGYALDSQEVSFSNLGLDSPIAQGRDGTVHKVVYGLMSGDSSALQGQIDALLKAVD
PSLSINSTFDQLAAAGVAHATPAA
;
_entity_poly.pdbx_strand_id   A,B,C
#
loop_
_chem_comp.id
_chem_comp.type
_chem_comp.name
_chem_comp.formula
CXS non-polymer '3-CYCLOHEXYL-1-PROPYLSULFONIC ACID' 'C9 H19 N O3 S'
GOL non-polymer GLYCEROL 'C3 H8 O3'
J83 non-polymer Co-5,10,15,20-Tetraphenylporphyrin 'C44 H28 Co N4'
NHE non-polymer '2-[N-CYCLOHEXYLAMINO]ETHANE SULFONIC ACID' 'C8 H17 N O3 S'
PO4 non-polymer 'PHOSPHATE ION' 'O4 P -3'
#
# COMPACT_ATOMS: atom_id res chain seq x y z
N SER A 2 14.25 18.82 35.70
CA SER A 2 15.70 18.92 35.41
C SER A 2 16.05 18.09 34.18
N ILE A 3 17.09 18.50 33.46
CA ILE A 3 17.66 17.73 32.31
C ILE A 3 17.90 16.28 32.75
N SER A 4 17.54 15.35 31.87
CA SER A 4 17.78 13.90 32.03
C SER A 4 18.59 13.41 30.83
N ILE A 5 19.69 12.72 31.10
CA ILE A 5 20.62 12.25 30.04
C ILE A 5 20.66 10.73 30.09
N SER A 6 20.53 10.10 28.93
CA SER A 6 20.77 8.65 28.78
C SER A 6 22.03 8.47 27.96
N TYR A 7 22.80 7.43 28.28
CA TYR A 7 24.02 7.13 27.51
C TYR A 7 24.28 5.64 27.52
N SER A 8 24.62 5.10 26.35
CA SER A 8 25.19 3.74 26.26
C SER A 8 26.39 3.64 27.20
N THR A 9 26.50 2.54 27.92
CA THR A 9 27.64 2.29 28.85
C THR A 9 28.98 2.47 28.11
N THR A 10 29.02 2.26 26.79
CA THR A 10 30.24 2.45 25.96
C THR A 10 30.83 3.84 26.20
N TYR A 11 29.99 4.85 26.46
CA TYR A 11 30.42 6.27 26.53
C TYR A 11 30.55 6.76 27.97
N SER A 12 30.59 5.84 28.94
N SER A 12 30.60 5.86 28.96
CA SER A 12 30.68 6.15 30.40
CA SER A 12 30.64 6.21 30.40
C SER A 12 31.81 7.17 30.67
C SER A 12 31.81 7.16 30.69
N GLY A 13 32.97 6.96 30.05
CA GLY A 13 34.19 7.73 30.32
C GLY A 13 34.38 8.91 29.38
N TRP A 14 33.42 9.16 28.50
CA TRP A 14 33.45 10.31 27.57
C TRP A 14 32.90 11.54 28.28
N THR A 15 33.42 12.72 27.95
CA THR A 15 32.74 13.98 28.32
C THR A 15 31.61 14.20 27.33
N VAL A 16 30.58 14.90 27.78
CA VAL A 16 29.44 15.27 26.90
C VAL A 16 30.00 16.08 25.72
N ALA A 17 30.90 17.03 25.99
CA ALA A 17 31.49 17.90 24.95
C ALA A 17 32.22 17.04 23.90
N ASP A 18 33.01 16.05 24.34
CA ASP A 18 33.81 15.25 23.40
C ASP A 18 32.87 14.39 22.56
N TYR A 19 31.83 13.84 23.18
CA TYR A 19 30.84 13.00 22.45
C TYR A 19 30.20 13.86 21.36
N LEU A 20 29.71 15.05 21.72
CA LEU A 20 28.95 15.90 20.77
C LEU A 20 29.87 16.44 19.66
N ALA A 21 31.13 16.76 19.95
CA ALA A 21 32.10 17.22 18.93
C ALA A 21 32.29 16.11 17.90
N ASP A 22 32.45 14.88 18.36
CA ASP A 22 32.62 13.71 17.45
C ASP A 22 31.31 13.43 16.71
N TRP A 23 30.18 13.48 17.41
CA TRP A 23 28.89 13.12 16.78
C TRP A 23 28.57 14.10 15.63
N SER A 24 28.74 15.40 15.86
N SER A 24 28.78 15.40 15.86
CA SER A 24 28.54 16.45 14.82
CA SER A 24 28.55 16.48 14.87
C SER A 24 29.37 16.11 13.59
C SER A 24 29.40 16.22 13.62
N ALA A 25 30.66 15.81 13.79
CA ALA A 25 31.60 15.53 12.68
C ALA A 25 31.19 14.22 11.97
N TYR A 26 30.76 13.23 12.74
CA TYR A 26 30.35 11.89 12.23
C TYR A 26 29.08 12.01 11.38
N PHE A 27 28.09 12.75 11.89
CA PHE A 27 26.84 13.03 11.15
C PHE A 27 27.18 13.91 9.93
N GLY A 28 28.01 14.92 10.17
CA GLY A 28 28.44 15.89 9.14
C GLY A 28 27.36 16.90 8.80
N ASP A 29 27.33 17.31 7.55
CA ASP A 29 26.44 18.40 7.06
C ASP A 29 25.63 17.81 5.91
N VAL A 30 24.30 17.78 6.03
CA VAL A 30 23.44 17.21 4.94
C VAL A 30 23.30 18.25 3.81
N ASN A 31 23.77 19.49 4.02
CA ASN A 31 23.75 20.57 2.99
C ASN A 31 22.30 20.87 2.61
N HIS A 32 21.44 21.08 3.61
CA HIS A 32 20.05 21.56 3.42
C HIS A 32 20.07 23.08 3.25
N ARG A 33 20.30 23.53 2.01
CA ARG A 33 20.55 24.94 1.66
C ARG A 33 20.05 25.18 0.25
N PRO A 34 19.78 26.45 -0.12
CA PRO A 34 19.28 26.75 -1.46
C PRO A 34 20.11 26.10 -2.57
N GLY A 35 19.44 25.44 -3.50
CA GLY A 35 20.05 24.78 -4.67
C GLY A 35 20.57 23.40 -4.35
N GLN A 36 20.57 23.00 -3.07
CA GLN A 36 21.19 21.74 -2.61
C GLN A 36 20.13 20.76 -2.08
N VAL A 37 18.84 21.13 -2.04
CA VAL A 37 17.84 20.21 -1.42
C VAL A 37 17.32 19.22 -2.45
N VAL A 38 17.28 17.94 -2.03
CA VAL A 38 16.72 16.77 -2.77
C VAL A 38 15.86 15.98 -1.77
N ASP A 39 14.62 15.69 -2.12
CA ASP A 39 13.61 15.10 -1.20
C ASP A 39 14.07 13.69 -0.83
N GLY A 40 13.85 13.29 0.41
CA GLY A 40 14.19 11.96 0.92
C GLY A 40 15.67 11.70 0.90
N SER A 41 16.49 12.71 0.56
CA SER A 41 17.96 12.68 0.73
C SER A 41 18.33 13.55 1.93
N ASN A 42 17.94 14.83 1.96
CA ASN A 42 18.42 15.75 3.02
C ASN A 42 17.30 16.68 3.52
N THR A 43 16.03 16.26 3.46
CA THR A 43 14.91 17.07 4.01
C THR A 43 14.68 16.74 5.48
N GLY A 44 14.90 15.48 5.87
CA GLY A 44 14.34 14.96 7.13
C GLY A 44 12.85 14.76 7.00
N GLY A 45 12.19 14.51 8.11
CA GLY A 45 10.76 14.21 8.14
C GLY A 45 10.17 14.54 9.46
N PHE A 46 8.89 14.91 9.45
CA PHE A 46 8.08 15.13 10.67
C PHE A 46 7.20 13.92 10.91
N ASN A 47 6.94 13.70 12.19
CA ASN A 47 5.89 12.76 12.65
C ASN A 47 4.89 13.58 13.44
N PRO A 48 3.64 13.75 12.98
CA PRO A 48 3.13 13.12 11.75
C PRO A 48 3.33 13.91 10.45
N GLY A 49 3.76 15.17 10.58
CA GLY A 49 3.90 16.07 9.43
C GLY A 49 2.55 16.58 8.96
N PRO A 50 2.48 17.17 7.75
CA PRO A 50 3.65 17.30 6.88
C PRO A 50 4.69 18.36 7.31
N PHE A 51 4.28 19.43 7.98
CA PHE A 51 5.18 20.57 8.34
C PHE A 51 5.22 20.82 9.84
N ASP A 52 4.63 19.92 10.62
CA ASP A 52 4.56 20.01 12.09
C ASP A 52 4.71 18.58 12.62
N GLY A 53 5.23 18.44 13.83
CA GLY A 53 5.29 17.10 14.44
C GLY A 53 5.69 17.11 15.89
N SER A 54 5.38 16.02 16.56
CA SER A 54 5.96 15.69 17.89
C SER A 54 7.42 15.26 17.69
N GLN A 55 7.80 14.87 16.47
CA GLN A 55 9.20 14.54 16.16
C GLN A 55 9.61 15.15 14.81
N TYR A 56 10.86 15.59 14.74
CA TYR A 56 11.58 15.86 13.47
C TYR A 56 12.81 14.98 13.49
N ALA A 57 13.01 14.18 12.44
CA ALA A 57 14.12 13.22 12.39
C ALA A 57 14.89 13.39 11.08
N LEU A 58 16.19 13.15 11.14
CA LEU A 58 17.07 13.34 9.96
C LEU A 58 18.18 12.30 10.01
N LYS A 59 18.41 11.65 8.87
CA LYS A 59 19.55 10.74 8.63
C LYS A 59 20.70 11.54 8.01
N SER A 60 21.91 11.22 8.43
CA SER A 60 23.17 11.71 7.80
C SER A 60 23.21 11.26 6.33
N THR A 61 23.80 12.06 5.45
CA THR A 61 24.11 11.67 4.05
C THR A 61 25.56 11.16 3.98
N ALA A 62 26.32 11.20 5.09
CA ALA A 62 27.76 10.81 5.11
C ALA A 62 27.94 9.47 5.83
N SER A 63 27.10 9.14 6.80
CA SER A 63 27.24 7.98 7.70
C SER A 63 25.85 7.44 8.06
N ASP A 64 25.78 6.45 8.94
CA ASP A 64 24.52 5.86 9.45
C ASP A 64 23.96 6.72 10.59
N ALA A 65 24.65 7.80 10.96
CA ALA A 65 24.19 8.68 12.07
C ALA A 65 22.77 9.20 11.77
N ALA A 66 21.98 9.37 12.81
CA ALA A 66 20.66 10.01 12.72
C ALA A 66 20.31 10.64 14.06
N PHE A 67 19.48 11.67 14.03
CA PHE A 67 18.94 12.24 15.28
C PHE A 67 17.42 12.32 15.18
N ILE A 68 16.81 12.35 16.36
CA ILE A 68 15.36 12.64 16.50
C ILE A 68 15.20 13.78 17.51
N ALA A 69 14.60 14.86 17.05
CA ALA A 69 14.19 16.00 17.90
C ALA A 69 12.74 15.76 18.32
N GLY A 70 12.48 15.77 19.62
CA GLY A 70 11.15 15.48 20.19
C GLY A 70 10.56 16.71 20.86
N GLY A 71 9.27 16.95 20.64
CA GLY A 71 8.56 18.03 21.35
C GLY A 71 7.27 18.38 20.64
N ASP A 72 7.15 19.64 20.25
CA ASP A 72 5.98 20.17 19.51
C ASP A 72 6.56 21.17 18.50
N LEU A 73 6.94 20.67 17.33
CA LEU A 73 7.81 21.41 16.39
C LEU A 73 7.02 21.80 15.14
N HIS A 74 7.40 22.94 14.58
CA HIS A 74 6.67 23.59 13.47
C HIS A 74 7.69 24.17 12.50
N TYR A 75 7.49 23.96 11.21
CA TYR A 75 8.34 24.57 10.16
C TYR A 75 7.51 25.49 9.27
N THR A 76 8.06 26.67 8.96
CA THR A 76 7.32 27.74 8.25
C THR A 76 7.47 27.66 6.73
N LEU A 77 8.43 26.88 6.21
CA LEU A 77 8.72 26.80 4.75
C LEU A 77 8.83 28.24 4.19
N PHE A 78 7.97 28.67 3.27
CA PHE A 78 8.11 29.97 2.56
C PHE A 78 7.53 31.12 3.39
N SER A 79 6.77 30.80 4.44
CA SER A 79 5.93 31.79 5.17
C SER A 79 6.80 32.59 6.14
N ASN A 80 6.59 33.90 6.22
CA ASN A 80 7.34 34.80 7.12
C ASN A 80 7.15 34.32 8.57
N PRO A 81 8.21 34.11 9.38
CA PRO A 81 9.61 34.17 8.96
C PRO A 81 10.02 32.85 8.28
N SER A 82 10.50 32.93 7.04
CA SER A 82 10.72 31.75 6.18
C SER A 82 11.75 30.81 6.80
N HIS A 83 11.55 29.52 6.56
CA HIS A 83 12.50 28.42 6.86
C HIS A 83 12.91 28.47 8.34
N THR A 84 11.93 28.64 9.21
CA THR A 84 12.07 28.64 10.68
C THR A 84 11.52 27.34 11.25
N LEU A 85 12.31 26.63 12.05
CA LEU A 85 11.83 25.55 12.93
C LEU A 85 11.62 26.17 14.32
N TRP A 86 10.39 26.12 14.81
CA TRP A 86 10.05 26.73 16.12
C TRP A 86 9.13 25.79 16.90
N GLY A 87 8.85 26.19 18.14
CA GLY A 87 7.98 25.45 19.06
C GLY A 87 8.75 24.93 20.24
N LYS A 88 8.31 23.80 20.78
CA LYS A 88 8.86 23.20 22.02
C LYS A 88 9.83 22.09 21.63
N LEU A 89 11.06 22.16 22.15
CA LEU A 89 12.04 21.06 22.01
C LEU A 89 12.29 20.48 23.39
N ASP A 90 11.82 19.26 23.61
CA ASP A 90 11.91 18.51 24.89
C ASP A 90 13.12 17.58 24.86
N SER A 91 13.45 16.99 23.70
CA SER A 91 14.44 15.89 23.66
C SER A 91 15.22 15.88 22.35
N ILE A 92 16.47 15.46 22.46
CA ILE A 92 17.35 15.14 21.32
C ILE A 92 17.90 13.73 21.56
N ALA A 93 17.69 12.83 20.61
CA ALA A 93 18.23 11.46 20.65
C ALA A 93 19.21 11.28 19.49
N LEU A 94 20.42 10.83 19.82
CA LEU A 94 21.52 10.67 18.86
C LEU A 94 21.89 9.19 18.78
N GLY A 95 22.10 8.71 17.57
CA GLY A 95 22.64 7.36 17.38
C GLY A 95 22.76 7.03 15.92
N ASP A 96 22.52 5.78 15.59
CA ASP A 96 22.67 5.21 14.24
C ASP A 96 21.37 4.55 13.82
N THR A 97 21.05 4.64 12.53
CA THR A 97 20.03 3.82 11.84
C THR A 97 18.64 4.28 12.25
N LEU A 98 18.14 5.30 11.57
CA LEU A 98 16.77 5.80 11.78
C LEU A 98 15.78 4.76 11.22
N THR A 99 14.73 4.47 11.97
CA THR A 99 13.66 3.54 11.56
C THR A 99 12.31 4.18 11.84
N GLY A 100 11.27 3.63 11.22
CA GLY A 100 9.87 4.06 11.42
C GLY A 100 9.63 5.43 10.81
N GLY A 101 8.75 6.20 11.45
CA GLY A 101 8.20 7.46 10.93
C GLY A 101 6.73 7.56 11.27
N ALA A 102 6.03 8.48 10.58
CA ALA A 102 4.64 8.86 10.88
C ALA A 102 3.69 7.69 10.63
N SER A 103 4.01 6.83 9.65
CA SER A 103 3.16 5.64 9.30
C SER A 103 3.38 4.49 10.29
N SER A 104 4.46 4.51 11.09
CA SER A 104 4.79 3.46 12.09
C SER A 104 4.38 3.93 13.51
N GLY A 105 3.79 5.16 13.59
CA GLY A 105 3.43 5.80 14.88
C GLY A 105 4.62 6.45 15.56
N GLY A 106 5.79 6.50 14.91
CA GLY A 106 6.93 7.27 15.41
C GLY A 106 8.26 6.83 14.84
N TYR A 107 9.24 7.72 14.94
CA TYR A 107 10.64 7.45 14.55
C TYR A 107 11.34 6.81 15.74
N ALA A 108 12.33 5.97 15.43
CA ALA A 108 13.17 5.27 16.42
C ALA A 108 14.58 5.14 15.86
N LEU A 109 15.56 5.07 16.74
CA LEU A 109 16.96 4.75 16.34
C LEU A 109 17.20 3.27 16.62
N ASP A 110 17.73 2.52 15.65
CA ASP A 110 18.11 1.10 15.87
C ASP A 110 19.17 1.04 16.97
N SER A 111 20.08 2.02 16.99
CA SER A 111 21.15 2.13 18.00
C SER A 111 21.16 3.55 18.59
N GLN A 112 20.43 3.76 19.67
CA GLN A 112 20.45 5.04 20.41
C GLN A 112 21.69 5.03 21.29
N GLU A 113 22.58 6.00 21.10
CA GLU A 113 23.83 6.12 21.91
C GLU A 113 23.60 7.07 23.09
N VAL A 114 23.11 8.27 22.82
CA VAL A 114 22.96 9.34 23.84
C VAL A 114 21.63 10.05 23.60
N SER A 115 20.97 10.43 24.70
CA SER A 115 19.79 11.33 24.59
C SER A 115 19.81 12.35 25.71
N PHE A 116 19.19 13.48 25.41
CA PHE A 116 19.00 14.61 26.34
C PHE A 116 17.49 14.90 26.35
N SER A 117 16.89 14.80 27.54
N SER A 117 16.85 14.78 27.51
CA SER A 117 15.43 14.95 27.76
CA SER A 117 15.39 15.03 27.63
C SER A 117 15.16 16.08 28.74
C SER A 117 15.13 16.01 28.78
N ASN A 118 13.92 16.57 28.82
CA ASN A 118 13.53 17.67 29.73
C ASN A 118 14.34 18.93 29.38
N LEU A 119 14.61 19.16 28.10
CA LEU A 119 15.40 20.35 27.67
C LEU A 119 14.65 21.65 27.97
N GLY A 120 13.32 21.63 27.96
CA GLY A 120 12.47 22.78 28.34
C GLY A 120 12.62 23.96 27.39
N LEU A 121 13.05 23.73 26.15
CA LEU A 121 13.25 24.82 25.17
C LEU A 121 11.92 25.11 24.47
N ASP A 122 11.62 26.40 24.29
CA ASP A 122 10.34 26.87 23.71
C ASP A 122 10.64 28.17 22.98
N SER A 123 10.69 28.13 21.65
CA SER A 123 11.01 29.29 20.80
C SER A 123 9.74 29.68 20.04
N PRO A 124 9.28 30.94 20.19
CA PRO A 124 8.10 31.40 19.46
C PRO A 124 8.41 31.66 17.99
N ILE A 125 7.38 31.62 17.15
CA ILE A 125 7.53 31.85 15.68
C ILE A 125 8.18 33.22 15.43
N ALA A 126 7.89 34.23 16.26
CA ALA A 126 8.32 35.63 16.04
C ALA A 126 9.85 35.76 16.07
N GLN A 127 10.59 34.84 16.70
CA GLN A 127 12.07 34.89 16.76
C GLN A 127 12.67 34.39 15.45
N GLY A 128 11.88 33.75 14.58
CA GLY A 128 12.41 33.24 13.31
C GLY A 128 13.63 32.35 13.53
N ARG A 129 14.61 32.47 12.65
CA ARG A 129 15.82 31.61 12.64
C ARG A 129 16.77 31.99 13.78
N ASP A 130 16.42 33.02 14.57
CA ASP A 130 17.19 33.44 15.77
C ASP A 130 16.75 32.64 16.99
N GLY A 131 15.63 31.90 16.91
CA GLY A 131 15.13 31.06 18.01
C GLY A 131 16.16 30.01 18.41
N THR A 132 16.25 29.73 19.70
CA THR A 132 17.16 28.69 20.25
C THR A 132 16.80 27.33 19.64
N VAL A 133 15.52 26.98 19.53
CA VAL A 133 15.13 25.66 18.98
C VAL A 133 15.69 25.55 17.55
N HIS A 134 15.50 26.58 16.73
CA HIS A 134 16.00 26.59 15.34
C HIS A 134 17.51 26.36 15.34
N LYS A 135 18.24 27.14 16.13
CA LYS A 135 19.72 27.12 16.12
C LYS A 135 20.22 25.75 16.62
N VAL A 136 19.60 25.21 17.65
CA VAL A 136 20.01 23.88 18.22
C VAL A 136 19.85 22.82 17.12
N VAL A 137 18.67 22.71 16.52
CA VAL A 137 18.39 21.60 15.57
C VAL A 137 19.14 21.88 14.25
N TYR A 138 19.19 23.12 13.76
CA TYR A 138 19.93 23.40 12.49
C TYR A 138 21.40 23.04 12.68
N GLY A 139 21.96 23.30 13.86
CA GLY A 139 23.34 22.89 14.19
C GLY A 139 23.55 21.39 13.98
N LEU A 140 22.60 20.57 14.42
CA LEU A 140 22.69 19.11 14.23
C LEU A 140 22.59 18.74 12.74
N MET A 141 21.82 19.49 11.96
CA MET A 141 21.63 19.23 10.50
C MET A 141 22.94 19.54 9.77
N SER A 142 23.71 20.50 10.27
CA SER A 142 24.78 21.19 9.49
C SER A 142 26.18 20.99 10.06
N GLY A 143 26.37 20.08 11.02
CA GLY A 143 27.71 19.68 11.50
C GLY A 143 28.30 20.62 12.53
N ASP A 144 27.46 21.36 13.25
CA ASP A 144 27.93 22.28 14.31
C ASP A 144 26.98 22.16 15.51
N SER A 145 27.37 21.41 16.54
CA SER A 145 26.49 21.20 17.72
C SER A 145 26.75 22.23 18.83
N SER A 146 27.43 23.34 18.53
N SER A 146 27.40 23.36 18.53
CA SER A 146 27.75 24.43 19.49
CA SER A 146 27.75 24.39 19.53
C SER A 146 26.48 24.82 20.26
C SER A 146 26.50 24.90 20.26
N ALA A 147 25.36 25.08 19.56
CA ALA A 147 24.12 25.58 20.21
C ALA A 147 23.59 24.54 21.20
N LEU A 148 23.51 23.27 20.78
CA LEU A 148 23.10 22.18 21.68
C LEU A 148 24.07 22.10 22.87
N GLN A 149 25.38 22.11 22.62
CA GLN A 149 26.39 22.03 23.70
C GLN A 149 26.13 23.15 24.71
N GLY A 150 25.88 24.37 24.25
CA GLY A 150 25.65 25.52 25.14
C GLY A 150 24.41 25.32 26.00
N GLN A 151 23.33 24.83 25.42
CA GLN A 151 22.06 24.64 26.17
C GLN A 151 22.25 23.54 27.21
N ILE A 152 22.92 22.45 26.86
N ILE A 152 22.91 22.44 26.83
CA ILE A 152 23.14 21.33 27.82
CA ILE A 152 23.19 21.30 27.76
C ILE A 152 24.04 21.83 28.96
C ILE A 152 24.04 21.83 28.92
N ASP A 153 25.10 22.56 28.61
CA ASP A 153 26.04 23.12 29.61
C ASP A 153 25.23 23.96 30.62
N ALA A 154 24.35 24.84 30.12
CA ALA A 154 23.55 25.75 30.96
C ALA A 154 22.60 24.93 31.86
N LEU A 155 21.93 23.91 31.31
CA LEU A 155 20.96 23.08 32.07
C LEU A 155 21.69 22.31 33.17
N LEU A 156 22.89 21.80 32.90
CA LEU A 156 23.70 21.03 33.88
C LEU A 156 24.10 21.96 35.02
N LYS A 157 24.63 23.14 34.71
CA LYS A 157 25.11 24.10 35.75
C LYS A 157 23.89 24.53 36.61
N ALA A 158 22.69 24.56 36.03
CA ALA A 158 21.44 24.90 36.74
C ALA A 158 21.05 23.82 37.76
N VAL A 159 21.35 22.55 37.51
CA VAL A 159 21.13 21.44 38.50
C VAL A 159 22.14 21.58 39.64
N ASP A 160 23.41 21.82 39.29
CA ASP A 160 24.51 21.95 40.27
C ASP A 160 25.68 22.62 39.58
N PRO A 161 26.22 23.72 40.16
CA PRO A 161 27.24 24.51 39.46
C PRO A 161 28.56 23.76 39.21
N SER A 162 28.77 22.59 39.85
CA SER A 162 29.96 21.72 39.64
C SER A 162 29.84 20.92 38.33
N LEU A 163 28.66 20.89 37.71
CA LEU A 163 28.45 20.06 36.48
C LEU A 163 28.60 20.92 35.23
N SER A 164 29.08 20.31 34.15
CA SER A 164 29.21 20.98 32.84
C SER A 164 29.30 19.93 31.76
N ILE A 165 29.34 20.37 30.50
CA ILE A 165 29.55 19.43 29.38
C ILE A 165 30.97 18.85 29.41
N ASN A 166 31.83 19.35 30.28
CA ASN A 166 33.19 18.76 30.46
C ASN A 166 33.15 17.61 31.48
N SER A 167 32.01 17.38 32.14
CA SER A 167 31.77 16.21 33.00
C SER A 167 31.67 14.96 32.13
N THR A 168 32.13 13.81 32.62
CA THR A 168 31.89 12.52 31.93
C THR A 168 30.44 12.08 32.19
N PHE A 169 29.93 11.21 31.33
CA PHE A 169 28.57 10.64 31.53
C PHE A 169 28.51 9.94 32.89
N ASP A 170 29.58 9.22 33.27
CA ASP A 170 29.67 8.54 34.59
C ASP A 170 29.55 9.56 35.72
N GLN A 171 30.26 10.69 35.64
CA GLN A 171 30.17 11.76 36.67
C GLN A 171 28.72 12.29 36.73
N LEU A 172 28.08 12.49 35.59
CA LEU A 172 26.67 12.98 35.56
C LEU A 172 25.71 11.92 36.14
N ALA A 173 26.01 10.63 35.96
CA ALA A 173 25.24 9.52 36.57
C ALA A 173 25.38 9.58 38.10
N ALA A 174 26.60 9.79 38.60
CA ALA A 174 26.88 9.94 40.04
C ALA A 174 26.09 11.14 40.58
N ALA A 175 25.89 12.20 39.79
CA ALA A 175 25.19 13.44 40.20
C ALA A 175 23.67 13.27 40.09
N GLY A 176 23.19 12.15 39.53
CA GLY A 176 21.76 11.83 39.44
C GLY A 176 21.06 12.38 38.20
N VAL A 177 21.83 12.90 37.24
N VAL A 177 21.81 12.89 37.21
CA VAL A 177 21.32 13.55 36.00
CA VAL A 177 21.20 13.55 36.01
C VAL A 177 21.22 12.51 34.88
C VAL A 177 21.35 12.67 34.75
N ALA A 178 22.23 11.65 34.78
CA ALA A 178 22.43 10.73 33.64
C ALA A 178 22.18 9.28 34.09
N HIS A 179 21.86 8.44 33.11
N HIS A 179 21.77 8.44 33.15
CA HIS A 179 21.40 7.04 33.29
CA HIS A 179 21.56 7.00 33.44
C HIS A 179 22.01 6.18 32.16
C HIS A 179 22.02 6.19 32.23
N ALA A 180 22.68 5.07 32.52
CA ALA A 180 23.33 4.19 31.53
C ALA A 180 22.27 3.31 30.87
N THR A 181 22.39 3.16 29.56
CA THR A 181 21.53 2.27 28.74
C THR A 181 22.44 1.21 28.13
N PRO A 182 21.88 0.10 27.60
CA PRO A 182 22.70 -1.00 27.09
C PRO A 182 23.60 -0.61 25.90
N ALA A 183 24.82 -1.14 25.91
CA ALA A 183 25.79 -1.01 24.80
C ALA A 183 25.28 -1.78 23.59
N ALA A 184 25.55 -1.25 22.39
CA ALA A 184 25.18 -1.85 21.08
C ALA A 184 25.96 -3.14 20.88
N SER B 2 0.20 8.10 -30.96
CA SER B 2 -1.10 7.71 -30.37
C SER B 2 -0.87 7.13 -28.97
N ILE B 3 -1.93 7.02 -28.17
CA ILE B 3 -1.88 6.32 -26.87
C ILE B 3 -1.20 4.94 -27.07
N SER B 4 -0.33 4.59 -26.15
CA SER B 4 0.38 3.29 -26.13
C SER B 4 0.13 2.65 -24.78
N ILE B 5 -0.33 1.41 -24.79
CA ILE B 5 -0.70 0.65 -23.56
C ILE B 5 0.23 -0.55 -23.42
N SER B 6 0.78 -0.76 -22.23
CA SER B 6 1.50 -2.00 -21.89
C SER B 6 0.66 -2.75 -20.85
N TYR B 7 0.54 -4.06 -20.97
CA TYR B 7 -0.22 -4.87 -20.00
C TYR B 7 0.45 -6.21 -19.82
N SER B 8 0.49 -6.67 -18.58
CA SER B 8 0.82 -8.08 -18.22
C SER B 8 -0.18 -8.99 -18.94
N THR B 9 0.28 -10.11 -19.51
CA THR B 9 -0.60 -11.05 -20.26
C THR B 9 -1.73 -11.56 -19.35
N THR B 10 -1.55 -11.50 -18.02
CA THR B 10 -2.60 -11.84 -17.04
C THR B 10 -3.90 -11.11 -17.40
N TYR B 11 -3.82 -9.87 -17.89
CA TYR B 11 -5.01 -8.99 -18.09
C TYR B 11 -5.48 -9.02 -19.54
N SER B 12 -4.96 -9.92 -20.38
CA SER B 12 -5.32 -10.08 -21.81
C SER B 12 -6.85 -9.98 -22.00
N GLY B 13 -7.61 -10.72 -21.21
CA GLY B 13 -9.06 -10.87 -21.38
C GLY B 13 -9.87 -9.85 -20.61
N TRP B 14 -9.22 -8.96 -19.84
CA TRP B 14 -9.90 -7.90 -19.06
C TRP B 14 -10.20 -6.70 -19.95
N THR B 15 -11.34 -6.04 -19.73
CA THR B 15 -11.59 -4.70 -20.31
C THR B 15 -10.76 -3.69 -19.52
N VAL B 16 -10.41 -2.59 -20.16
CA VAL B 16 -9.66 -1.49 -19.49
C VAL B 16 -10.50 -1.00 -18.32
N ALA B 17 -11.80 -0.82 -18.52
CA ALA B 17 -12.74 -0.32 -17.49
C ALA B 17 -12.74 -1.27 -16.29
N ASP B 18 -12.80 -2.58 -16.52
CA ASP B 18 -12.84 -3.57 -15.42
C ASP B 18 -11.51 -3.51 -14.66
N TYR B 19 -10.38 -3.43 -15.36
CA TYR B 19 -9.07 -3.38 -14.68
C TYR B 19 -9.04 -2.13 -13.79
N LEU B 20 -9.38 -0.97 -14.34
CA LEU B 20 -9.29 0.30 -13.58
C LEU B 20 -10.26 0.27 -12.39
N ALA B 21 -11.47 -0.26 -12.55
CA ALA B 21 -12.43 -0.37 -11.42
C ALA B 21 -11.83 -1.28 -10.34
N ASP B 22 -11.20 -2.40 -10.72
CA ASP B 22 -10.65 -3.37 -9.73
C ASP B 22 -9.45 -2.71 -9.05
N TRP B 23 -8.58 -2.07 -9.83
CA TRP B 23 -7.36 -1.45 -9.26
C TRP B 23 -7.79 -0.37 -8.25
N SER B 24 -8.76 0.47 -8.61
CA SER B 24 -9.30 1.54 -7.73
C SER B 24 -9.84 0.92 -6.42
N ALA B 25 -10.50 -0.24 -6.48
CA ALA B 25 -11.05 -0.95 -5.31
C ALA B 25 -9.92 -1.43 -4.37
N TYR B 26 -8.82 -1.95 -4.95
CA TYR B 26 -7.63 -2.41 -4.16
C TYR B 26 -6.88 -1.21 -3.58
N PHE B 27 -6.73 -0.14 -4.35
CA PHE B 27 -5.96 1.04 -3.89
C PHE B 27 -6.76 1.77 -2.79
N GLY B 28 -8.06 1.97 -3.04
CA GLY B 28 -8.96 2.68 -2.12
C GLY B 28 -8.74 4.19 -2.12
N ASP B 29 -9.19 4.84 -1.05
CA ASP B 29 -9.07 6.30 -0.85
C ASP B 29 -8.05 6.52 0.26
N VAL B 30 -6.91 7.14 -0.04
CA VAL B 30 -5.84 7.35 0.98
C VAL B 30 -6.14 8.55 1.89
N ASN B 31 -7.23 9.29 1.62
N ASN B 31 -7.24 9.28 1.64
CA ASN B 31 -7.75 10.37 2.48
CA ASN B 31 -7.73 10.38 2.52
C ASN B 31 -6.68 11.46 2.61
C ASN B 31 -6.68 11.48 2.61
N HIS B 32 -6.11 11.87 1.47
CA HIS B 32 -5.18 13.01 1.35
C HIS B 32 -6.03 14.29 1.31
N ARG B 33 -6.27 14.87 2.48
N ARG B 33 -6.26 14.88 2.48
CA ARG B 33 -7.11 16.08 2.67
CA ARG B 33 -7.04 16.14 2.62
C ARG B 33 -6.56 16.83 3.90
C ARG B 33 -6.57 16.82 3.89
N PRO B 34 -6.93 18.11 4.10
CA PRO B 34 -6.53 18.83 5.32
C PRO B 34 -6.85 18.04 6.60
N GLY B 35 -5.88 18.00 7.51
CA GLY B 35 -5.97 17.30 8.80
C GLY B 35 -5.70 15.81 8.71
N GLN B 36 -5.55 15.25 7.50
CA GLN B 36 -5.45 13.78 7.29
C GLN B 36 -4.17 13.43 6.53
N VAL B 37 -3.35 14.41 6.15
CA VAL B 37 -2.08 14.14 5.43
C VAL B 37 -1.02 13.78 6.47
N VAL B 38 -0.40 12.62 6.28
CA VAL B 38 0.68 12.07 7.15
C VAL B 38 1.90 11.80 6.27
N ASP B 39 3.02 12.45 6.58
CA ASP B 39 4.26 12.39 5.78
C ASP B 39 4.66 10.92 5.61
N GLY B 40 4.84 10.49 4.36
CA GLY B 40 5.30 9.13 4.03
C GLY B 40 4.20 8.08 4.10
N SER B 41 2.99 8.47 4.50
CA SER B 41 1.81 7.55 4.55
C SER B 41 0.93 7.80 3.33
N ASN B 42 0.43 9.02 3.18
CA ASN B 42 -0.50 9.34 2.06
C ASN B 42 -0.10 10.65 1.36
N THR B 43 1.16 11.07 1.47
CA THR B 43 1.66 12.25 0.70
C THR B 43 1.94 11.84 -0.75
N GLY B 44 2.43 10.62 -0.95
CA GLY B 44 3.13 10.26 -2.18
C GLY B 44 4.47 10.97 -2.22
N GLY B 45 5.15 10.90 -3.36
CA GLY B 45 6.46 11.55 -3.51
C GLY B 45 6.76 11.88 -4.95
N PHE B 46 7.56 12.91 -5.14
CA PHE B 46 8.05 13.36 -6.45
C PHE B 46 9.50 12.91 -6.64
N ASN B 47 9.82 12.61 -7.89
CA ASN B 47 11.21 12.44 -8.35
C ASN B 47 11.49 13.53 -9.37
N PRO B 48 12.48 14.44 -9.14
CA PRO B 48 13.32 14.46 -7.94
C PRO B 48 12.67 15.03 -6.66
N GLY B 49 11.62 15.82 -6.82
CA GLY B 49 10.97 16.51 -5.69
C GLY B 49 11.80 17.68 -5.21
N PRO B 50 11.43 18.28 -4.05
CA PRO B 50 10.32 17.80 -3.24
C PRO B 50 8.90 18.06 -3.77
N PHE B 51 8.73 19.09 -4.61
CA PHE B 51 7.39 19.59 -5.02
C PHE B 51 7.16 19.49 -6.52
N ASP B 52 8.13 18.96 -7.25
CA ASP B 52 8.14 18.95 -8.74
C ASP B 52 8.88 17.70 -9.19
N GLY B 53 8.48 17.14 -10.31
CA GLY B 53 9.28 16.03 -10.86
C GLY B 53 8.75 15.48 -12.16
N SER B 54 9.54 14.58 -12.71
CA SER B 54 9.18 13.77 -13.89
C SER B 54 8.24 12.64 -13.45
N GLN B 55 8.19 12.34 -12.15
CA GLN B 55 7.29 11.30 -11.60
C GLN B 55 6.66 11.77 -10.30
N TYR B 56 5.40 11.41 -10.11
CA TYR B 56 4.71 11.45 -8.80
C TYR B 56 4.19 10.04 -8.54
N ALA B 57 4.53 9.46 -7.40
CA ALA B 57 4.21 8.06 -7.06
C ALA B 57 3.57 7.97 -5.68
N LEU B 58 2.66 7.02 -5.52
CA LEU B 58 1.98 6.78 -4.23
C LEU B 58 1.63 5.29 -4.12
N LYS B 59 1.96 4.70 -2.97
CA LYS B 59 1.48 3.36 -2.55
C LYS B 59 0.20 3.54 -1.73
N SER B 60 -0.76 2.64 -1.92
CA SER B 60 -2.00 2.57 -1.11
C SER B 60 -1.65 2.44 0.37
N THR B 61 -2.53 2.95 1.24
CA THR B 61 -2.47 2.74 2.70
C THR B 61 -3.22 1.45 3.08
N ALA B 62 -3.95 0.83 2.15
CA ALA B 62 -4.85 -0.32 2.43
C ALA B 62 -4.28 -1.61 1.83
N SER B 63 -3.38 -1.52 0.85
CA SER B 63 -2.83 -2.67 0.09
C SER B 63 -1.43 -2.31 -0.46
N ASP B 64 -0.85 -3.20 -1.25
CA ASP B 64 0.47 -2.95 -1.90
C ASP B 64 0.25 -2.31 -3.28
N ALA B 65 -1.00 -2.01 -3.65
CA ALA B 65 -1.33 -1.30 -4.91
C ALA B 65 -0.59 0.04 -4.92
N ALA B 66 -0.10 0.44 -6.09
CA ALA B 66 0.60 1.71 -6.25
C ALA B 66 0.42 2.22 -7.68
N PHE B 67 0.59 3.52 -7.85
CA PHE B 67 0.63 4.13 -9.19
C PHE B 67 1.82 5.08 -9.28
N ILE B 68 2.20 5.34 -10.52
CA ILE B 68 3.18 6.40 -10.87
C ILE B 68 2.60 7.21 -12.02
N ALA B 69 2.57 8.52 -11.83
CA ALA B 69 2.25 9.53 -12.86
C ALA B 69 3.57 10.06 -13.41
N GLY B 70 3.73 10.05 -14.74
CA GLY B 70 4.97 10.46 -15.40
C GLY B 70 4.74 11.62 -16.34
N GLY B 71 5.68 12.56 -16.38
CA GLY B 71 5.62 13.70 -17.29
C GLY B 71 6.53 14.82 -16.81
N ASP B 72 5.96 16.00 -16.68
CA ASP B 72 6.65 17.21 -16.17
C ASP B 72 5.65 17.87 -15.23
N LEU B 73 5.70 17.45 -13.96
CA LEU B 73 4.61 17.67 -13.00
C LEU B 73 5.06 18.65 -11.91
N HIS B 74 4.11 19.44 -11.45
CA HIS B 74 4.35 20.53 -10.49
C HIS B 74 3.19 20.53 -9.50
N TYR B 75 3.51 20.68 -8.22
CA TYR B 75 2.50 20.82 -7.15
C TYR B 75 2.61 22.22 -6.57
N THR B 76 1.49 22.95 -6.52
CA THR B 76 1.50 24.37 -6.10
C THR B 76 1.61 24.49 -4.57
N LEU B 77 1.29 23.42 -3.84
CA LEU B 77 1.25 23.42 -2.36
C LEU B 77 0.40 24.61 -1.88
N PHE B 78 0.97 25.61 -1.20
CA PHE B 78 0.16 26.69 -0.60
C PHE B 78 -0.16 27.79 -1.61
N SER B 79 0.60 27.86 -2.70
CA SER B 79 0.58 28.95 -3.71
C SER B 79 -0.70 28.89 -4.55
N ASN B 80 -1.29 30.05 -4.86
CA ASN B 80 -2.54 30.16 -5.64
C ASN B 80 -2.27 29.61 -7.05
N PRO B 81 -3.08 28.69 -7.62
CA PRO B 81 -4.20 28.03 -6.94
C PRO B 81 -3.71 26.86 -6.10
N SER B 82 -4.08 26.85 -4.82
CA SER B 82 -3.45 25.96 -3.81
C SER B 82 -3.74 24.49 -4.12
N HIS B 83 -2.82 23.62 -3.74
CA HIS B 83 -2.95 22.15 -3.78
C HIS B 83 -3.40 21.70 -5.18
N THR B 84 -2.70 22.19 -6.20
CA THR B 84 -2.95 21.85 -7.61
C THR B 84 -1.74 21.07 -8.14
N LEU B 85 -2.00 19.90 -8.71
CA LEU B 85 -1.02 19.18 -9.55
C LEU B 85 -1.25 19.59 -11.00
N TRP B 86 -0.26 20.19 -11.65
CA TRP B 86 -0.38 20.67 -13.04
C TRP B 86 0.87 20.33 -13.84
N GLY B 87 0.84 20.61 -15.14
CA GLY B 87 1.97 20.35 -16.03
C GLY B 87 1.60 19.33 -17.08
N LYS B 88 2.58 18.58 -17.54
CA LYS B 88 2.45 17.57 -18.61
C LYS B 88 2.30 16.20 -17.95
N LEU B 89 1.22 15.48 -18.27
CA LEU B 89 1.04 14.07 -17.89
C LEU B 89 1.17 13.22 -19.16
N ASP B 90 2.28 12.49 -19.27
CA ASP B 90 2.58 11.60 -20.41
C ASP B 90 2.08 10.19 -20.08
N SER B 91 2.17 9.75 -18.83
CA SER B 91 2.00 8.32 -18.51
C SER B 91 1.37 8.10 -17.14
N ILE B 92 0.67 6.96 -17.04
CA ILE B 92 0.17 6.40 -15.77
C ILE B 92 0.58 4.93 -15.74
N ALA B 93 1.28 4.52 -14.69
CA ALA B 93 1.66 3.12 -14.47
C ALA B 93 0.90 2.61 -13.25
N LEU B 94 0.26 1.45 -13.37
CA LEU B 94 -0.55 0.84 -12.28
C LEU B 94 -0.02 -0.56 -11.97
N GLY B 95 -0.02 -0.91 -10.71
CA GLY B 95 0.38 -2.25 -10.30
C GLY B 95 0.58 -2.31 -8.81
N ASP B 96 1.60 -3.03 -8.36
CA ASP B 96 1.92 -3.11 -6.92
C ASP B 96 3.44 -3.12 -6.74
N THR B 97 3.87 -2.93 -5.49
CA THR B 97 5.29 -3.03 -5.05
C THR B 97 6.07 -1.87 -5.68
N LEU B 98 5.75 -0.65 -5.25
CA LEU B 98 6.49 0.56 -5.63
C LEU B 98 7.92 0.45 -5.10
N THR B 99 8.91 0.73 -5.95
CA THR B 99 10.35 0.77 -5.58
C THR B 99 10.94 2.12 -5.99
N GLY B 100 12.07 2.48 -5.39
CA GLY B 100 12.85 3.67 -5.75
C GLY B 100 12.40 4.89 -4.98
N GLY B 101 12.66 6.07 -5.55
CA GLY B 101 12.46 7.38 -4.90
C GLY B 101 13.43 8.40 -5.45
N ALA B 102 13.32 9.65 -4.98
CA ALA B 102 14.17 10.79 -5.38
C ALA B 102 15.65 10.41 -5.24
N SER B 103 16.02 9.70 -4.17
CA SER B 103 17.41 9.27 -3.85
C SER B 103 17.92 8.23 -4.85
N SER B 104 17.04 7.34 -5.32
CA SER B 104 17.35 6.14 -6.14
C SER B 104 17.34 6.48 -7.64
N GLY B 105 17.11 7.74 -8.01
CA GLY B 105 17.03 8.18 -9.42
C GLY B 105 15.68 7.83 -10.05
N GLY B 106 14.64 7.65 -9.24
CA GLY B 106 13.26 7.56 -9.73
C GLY B 106 12.50 6.36 -9.21
N TYR B 107 11.26 6.23 -9.68
CA TYR B 107 10.30 5.20 -9.21
C TYR B 107 10.06 4.19 -10.31
N ALA B 108 9.82 2.95 -9.89
CA ALA B 108 9.34 1.88 -10.78
C ALA B 108 8.47 0.94 -9.96
N LEU B 109 7.46 0.38 -10.59
CA LEU B 109 6.64 -0.71 -10.01
C LEU B 109 7.38 -2.02 -10.25
N ASP B 110 7.67 -2.75 -9.18
CA ASP B 110 8.26 -4.10 -9.28
C ASP B 110 7.29 -5.02 -10.02
N SER B 111 5.99 -4.87 -9.75
N SER B 111 6.00 -4.87 -9.76
CA SER B 111 4.90 -5.59 -10.47
CA SER B 111 4.89 -5.60 -10.44
C SER B 111 4.06 -4.56 -11.23
C SER B 111 4.04 -4.61 -11.24
N GLN B 112 4.55 -4.13 -12.37
CA GLN B 112 3.79 -3.23 -13.26
C GLN B 112 2.77 -4.10 -13.99
N GLU B 113 1.49 -3.77 -13.83
CA GLU B 113 0.38 -4.57 -14.43
C GLU B 113 -0.09 -3.94 -15.74
N VAL B 114 -0.36 -2.64 -15.70
CA VAL B 114 -0.96 -1.90 -16.85
C VAL B 114 -0.31 -0.53 -16.86
N SER B 115 0.05 -0.02 -18.03
CA SER B 115 0.48 1.37 -18.17
C SER B 115 -0.16 1.99 -19.41
N PHE B 116 -0.30 3.30 -19.35
CA PHE B 116 -0.84 4.15 -20.44
C PHE B 116 0.20 5.23 -20.67
N SER B 117 0.72 5.30 -21.89
CA SER B 117 1.76 6.29 -22.31
C SER B 117 1.25 7.11 -23.49
N ASN B 118 1.95 8.20 -23.78
CA ASN B 118 1.57 9.15 -24.87
C ASN B 118 0.17 9.70 -24.58
N LEU B 119 -0.14 9.99 -23.32
CA LEU B 119 -1.47 10.53 -22.95
C LEU B 119 -1.64 11.94 -23.52
N GLY B 120 -0.55 12.71 -23.65
CA GLY B 120 -0.55 14.04 -24.28
C GLY B 120 -1.39 15.05 -23.50
N LEU B 121 -1.54 14.86 -22.20
CA LEU B 121 -2.31 15.78 -21.31
C LEU B 121 -1.38 16.89 -20.81
N ASP B 122 -1.84 18.14 -20.91
CA ASP B 122 -1.04 19.32 -20.52
C ASP B 122 -2.00 20.32 -19.89
N SER B 123 -1.95 20.48 -18.58
CA SER B 123 -2.86 21.36 -17.82
C SER B 123 -2.06 22.56 -17.31
N PRO B 124 -2.48 23.79 -17.65
CA PRO B 124 -1.79 24.99 -17.16
C PRO B 124 -2.17 25.25 -15.70
N ILE B 125 -1.28 25.93 -14.99
CA ILE B 125 -1.47 26.25 -13.55
C ILE B 125 -2.80 27.01 -13.36
N ALA B 126 -3.19 27.89 -14.29
CA ALA B 126 -4.37 28.77 -14.12
C ALA B 126 -5.66 27.97 -13.95
N GLN B 127 -5.74 26.72 -14.41
CA GLN B 127 -6.99 25.91 -14.31
C GLN B 127 -7.13 25.36 -12.89
N GLY B 128 -6.07 25.41 -12.08
CA GLY B 128 -6.07 24.90 -10.70
C GLY B 128 -6.57 23.46 -10.65
N ARG B 129 -7.43 23.15 -9.68
CA ARG B 129 -7.88 21.77 -9.41
C ARG B 129 -8.91 21.32 -10.45
N ASP B 130 -9.31 22.22 -11.36
CA ASP B 130 -10.22 21.89 -12.48
C ASP B 130 -9.41 21.35 -13.66
N GLY B 131 -8.08 21.42 -13.61
CA GLY B 131 -7.22 20.91 -14.70
C GLY B 131 -7.42 19.42 -14.88
N THR B 132 -7.35 18.94 -16.12
CA THR B 132 -7.50 17.50 -16.42
C THR B 132 -6.40 16.70 -15.72
N VAL B 133 -5.17 17.19 -15.75
CA VAL B 133 -4.04 16.48 -15.09
C VAL B 133 -4.38 16.28 -13.61
N HIS B 134 -4.76 17.34 -12.91
CA HIS B 134 -5.14 17.25 -11.48
C HIS B 134 -6.25 16.21 -11.27
N LYS B 135 -7.34 16.31 -12.03
CA LYS B 135 -8.52 15.43 -11.80
C LYS B 135 -8.15 13.98 -12.11
N VAL B 136 -7.37 13.74 -13.17
CA VAL B 136 -7.00 12.37 -13.57
C VAL B 136 -6.21 11.74 -12.42
N VAL B 137 -5.19 12.43 -11.92
CA VAL B 137 -4.26 11.80 -10.96
C VAL B 137 -4.93 11.76 -9.58
N TYR B 138 -5.70 12.79 -9.22
CA TYR B 138 -6.35 12.82 -7.89
C TYR B 138 -7.39 11.68 -7.80
N GLY B 139 -8.02 11.31 -8.91
CA GLY B 139 -8.95 10.16 -8.93
C GLY B 139 -8.27 8.88 -8.48
N LEU B 140 -7.00 8.70 -8.83
CA LEU B 140 -6.21 7.51 -8.42
C LEU B 140 -5.90 7.53 -6.92
N MET B 141 -5.82 8.72 -6.33
N MET B 141 -5.85 8.72 -6.33
CA MET B 141 -5.58 8.96 -4.88
CA MET B 141 -5.52 8.90 -4.89
C MET B 141 -6.82 8.55 -4.09
C MET B 141 -6.80 8.79 -4.04
N SER B 142 -7.99 8.84 -4.65
CA SER B 142 -9.26 9.02 -3.91
C SER B 142 -10.26 7.91 -4.21
N GLY B 143 -9.88 6.87 -4.96
CA GLY B 143 -10.73 5.68 -5.16
C GLY B 143 -11.74 5.84 -6.29
N ASP B 144 -11.57 6.85 -7.15
CA ASP B 144 -12.49 7.12 -8.29
C ASP B 144 -11.67 7.37 -9.56
N SER B 145 -11.48 6.36 -10.41
CA SER B 145 -10.65 6.49 -11.64
C SER B 145 -11.48 6.96 -12.86
N SER B 146 -12.65 7.55 -12.62
N SER B 146 -12.64 7.58 -12.64
CA SER B 146 -13.58 8.01 -13.70
CA SER B 146 -13.57 7.96 -13.73
C SER B 146 -12.86 8.96 -14.67
C SER B 146 -12.92 8.99 -14.68
N ALA B 147 -12.15 9.95 -14.17
CA ALA B 147 -11.47 10.96 -15.01
C ALA B 147 -10.46 10.25 -15.93
N LEU B 148 -9.64 9.36 -15.37
CA LEU B 148 -8.64 8.62 -16.18
C LEU B 148 -9.39 7.80 -17.25
N GLN B 149 -10.43 7.07 -16.83
CA GLN B 149 -11.22 6.22 -17.74
C GLN B 149 -11.72 7.08 -18.92
N GLY B 150 -12.22 8.27 -18.63
CA GLY B 150 -12.80 9.15 -19.67
C GLY B 150 -11.73 9.60 -20.67
N GLN B 151 -10.54 9.96 -20.17
CA GLN B 151 -9.43 10.40 -21.05
C GLN B 151 -8.96 9.22 -21.91
N ILE B 152 -8.76 8.04 -21.32
N ILE B 152 -8.77 8.05 -21.31
CA ILE B 152 -8.32 6.85 -22.10
CA ILE B 152 -8.32 6.82 -22.05
C ILE B 152 -9.39 6.52 -23.15
C ILE B 152 -9.38 6.47 -23.12
N ASP B 153 -10.66 6.52 -22.76
CA ASP B 153 -11.78 6.22 -23.69
C ASP B 153 -11.67 7.09 -24.94
N ALA B 154 -11.49 8.40 -24.77
CA ALA B 154 -11.42 9.38 -25.88
C ALA B 154 -10.18 9.11 -26.75
N LEU B 155 -9.04 8.81 -26.13
CA LEU B 155 -7.78 8.55 -26.87
C LEU B 155 -7.95 7.29 -27.73
N LEU B 156 -8.60 6.26 -27.19
CA LEU B 156 -8.82 4.99 -27.91
C LEU B 156 -9.79 5.23 -29.06
N LYS B 157 -10.91 5.90 -28.82
CA LYS B 157 -11.91 6.20 -29.88
C LYS B 157 -11.27 7.00 -31.02
N ALA B 158 -10.32 7.90 -30.73
CA ALA B 158 -9.63 8.69 -31.78
C ALA B 158 -8.78 7.77 -32.67
N VAL B 159 -8.23 6.67 -32.14
CA VAL B 159 -7.50 5.67 -32.98
C VAL B 159 -8.51 5.00 -33.90
N ASP B 160 -9.60 4.49 -33.32
CA ASP B 160 -10.71 3.89 -34.10
C ASP B 160 -11.93 3.78 -33.20
N PRO B 161 -13.13 4.12 -33.70
CA PRO B 161 -14.31 4.14 -32.84
C PRO B 161 -14.75 2.75 -32.33
N SER B 162 -14.20 1.67 -32.88
CA SER B 162 -14.37 0.27 -32.37
C SER B 162 -13.66 0.09 -31.03
N LEU B 163 -12.70 0.96 -30.71
CA LEU B 163 -11.85 0.86 -29.51
C LEU B 163 -12.41 1.80 -28.43
N SER B 164 -12.45 1.30 -27.19
CA SER B 164 -13.00 2.05 -26.04
C SER B 164 -12.46 1.43 -24.75
N ILE B 165 -12.75 2.03 -23.61
N ILE B 165 -12.80 2.06 -23.63
CA ILE B 165 -12.38 1.43 -22.29
CA ILE B 165 -12.51 1.56 -22.25
C ILE B 165 -13.12 0.09 -22.11
C ILE B 165 -13.19 0.18 -22.06
N ASN B 166 -14.13 -0.21 -22.95
CA ASN B 166 -14.83 -1.52 -22.85
C ASN B 166 -14.17 -2.57 -23.75
N SER B 167 -13.11 -2.19 -24.48
CA SER B 167 -12.23 -3.13 -25.22
C SER B 167 -11.39 -3.92 -24.22
N THR B 168 -11.09 -5.18 -24.52
CA THR B 168 -10.09 -5.99 -23.77
C THR B 168 -8.70 -5.54 -24.19
N PHE B 169 -7.71 -5.78 -23.34
CA PHE B 169 -6.30 -5.48 -23.67
C PHE B 169 -5.91 -6.25 -24.94
N ASP B 170 -6.37 -7.50 -25.08
CA ASP B 170 -6.07 -8.31 -26.30
C ASP B 170 -6.65 -7.63 -27.55
N GLN B 171 -7.88 -7.10 -27.48
CA GLN B 171 -8.49 -6.38 -28.63
C GLN B 171 -7.67 -5.14 -28.97
N LEU B 172 -7.18 -4.42 -27.96
CA LEU B 172 -6.33 -3.23 -28.19
C LEU B 172 -4.98 -3.65 -28.76
N ALA B 173 -4.45 -4.82 -28.37
CA ALA B 173 -3.19 -5.34 -28.94
C ALA B 173 -3.38 -5.70 -30.43
N ALA B 174 -4.53 -6.28 -30.77
CA ALA B 174 -4.90 -6.63 -32.17
C ALA B 174 -4.94 -5.35 -33.02
N ALA B 175 -5.35 -4.22 -32.44
CA ALA B 175 -5.47 -2.89 -33.10
C ALA B 175 -4.12 -2.18 -33.16
N GLY B 176 -3.09 -2.71 -32.49
CA GLY B 176 -1.73 -2.14 -32.51
C GLY B 176 -1.52 -1.07 -31.44
N VAL B 177 -2.48 -0.89 -30.52
CA VAL B 177 -2.42 0.16 -29.46
C VAL B 177 -1.71 -0.39 -28.22
N ALA B 178 -2.00 -1.63 -27.86
CA ALA B 178 -1.53 -2.27 -26.62
C ALA B 178 -0.46 -3.31 -26.93
N HIS B 179 0.38 -3.56 -25.94
CA HIS B 179 1.61 -4.38 -26.05
C HIS B 179 1.69 -5.27 -24.81
N ALA B 180 1.65 -6.59 -25.00
CA ALA B 180 1.63 -7.58 -23.91
C ALA B 180 3.04 -7.74 -23.34
N THR B 181 3.16 -7.91 -22.02
CA THR B 181 4.43 -8.24 -21.32
C THR B 181 4.25 -9.55 -20.56
N PRO B 182 5.33 -10.32 -20.33
CA PRO B 182 5.28 -11.55 -19.53
C PRO B 182 4.50 -11.47 -18.20
N MET C 1 -5.39 -39.43 -1.20
CA MET C 1 -6.47 -38.42 -1.41
C MET C 1 -6.01 -37.08 -0.83
N SER C 2 -5.73 -36.10 -1.69
CA SER C 2 -5.19 -34.76 -1.32
C SER C 2 -5.72 -33.68 -2.29
N ILE C 3 -6.04 -32.47 -1.78
CA ILE C 3 -6.53 -31.33 -2.60
C ILE C 3 -5.63 -31.18 -3.83
N SER C 4 -6.26 -31.06 -5.00
CA SER C 4 -5.55 -30.88 -6.29
C SER C 4 -6.13 -29.61 -6.91
N ILE C 5 -5.26 -28.74 -7.41
CA ILE C 5 -5.65 -27.44 -7.98
C ILE C 5 -5.17 -27.37 -9.43
N SER C 6 -6.05 -26.95 -10.32
CA SER C 6 -5.68 -26.62 -11.72
C SER C 6 -5.86 -25.11 -11.86
N TYR C 7 -4.96 -24.44 -12.58
CA TYR C 7 -5.09 -22.99 -12.81
C TYR C 7 -4.58 -22.67 -14.21
N SER C 8 -5.28 -21.78 -14.91
CA SER C 8 -4.74 -21.16 -16.14
C SER C 8 -3.42 -20.45 -15.80
N THR C 9 -2.39 -20.62 -16.64
N THR C 9 -2.40 -20.61 -16.64
CA THR C 9 -1.05 -20.00 -16.47
CA THR C 9 -1.05 -20.01 -16.48
C THR C 9 -1.21 -18.48 -16.29
C THR C 9 -1.19 -18.48 -16.34
N THR C 10 -2.33 -17.94 -16.82
CA THR C 10 -2.81 -16.54 -16.61
C THR C 10 -2.65 -16.13 -15.14
N TYR C 11 -2.95 -17.03 -14.20
CA TYR C 11 -3.09 -16.70 -12.75
C TYR C 11 -1.89 -17.17 -11.92
N SER C 12 -0.76 -17.50 -12.55
CA SER C 12 0.48 -18.01 -11.89
C SER C 12 0.86 -17.16 -10.67
N GLY C 13 0.79 -15.82 -10.80
CA GLY C 13 1.29 -14.88 -9.78
C GLY C 13 0.20 -14.43 -8.81
N TRP C 14 -1.03 -14.91 -8.97
CA TRP C 14 -2.17 -14.59 -8.08
C TRP C 14 -2.12 -15.49 -6.85
N THR C 15 -2.46 -14.96 -5.68
CA THR C 15 -2.77 -15.80 -4.50
C THR C 15 -4.17 -16.39 -4.70
N VAL C 16 -4.43 -17.50 -4.02
CA VAL C 16 -5.77 -18.13 -4.07
C VAL C 16 -6.78 -17.14 -3.48
N ALA C 17 -6.44 -16.46 -2.38
CA ALA C 17 -7.34 -15.52 -1.68
C ALA C 17 -7.73 -14.37 -2.63
N ASP C 18 -6.75 -13.84 -3.36
CA ASP C 18 -7.00 -12.69 -4.27
C ASP C 18 -7.89 -13.17 -5.43
N TYR C 19 -7.59 -14.34 -5.99
CA TYR C 19 -8.40 -14.89 -7.10
C TYR C 19 -9.85 -15.06 -6.62
N LEU C 20 -10.07 -15.70 -5.48
CA LEU C 20 -11.45 -15.98 -4.99
C LEU C 20 -12.19 -14.68 -4.63
N ALA C 21 -11.52 -13.70 -4.01
CA ALA C 21 -12.13 -12.40 -3.64
C ALA C 21 -12.61 -11.70 -4.91
N ASP C 22 -11.75 -11.67 -5.93
CA ASP C 22 -12.02 -10.95 -7.21
C ASP C 22 -13.07 -11.72 -8.00
N TRP C 23 -12.94 -13.04 -8.10
CA TRP C 23 -13.94 -13.88 -8.81
C TRP C 23 -15.33 -13.62 -8.20
N SER C 24 -15.44 -13.58 -6.87
CA SER C 24 -16.71 -13.34 -6.12
C SER C 24 -17.30 -11.96 -6.49
N ALA C 25 -16.47 -10.93 -6.55
CA ALA C 25 -16.90 -9.56 -6.91
C ALA C 25 -17.44 -9.56 -8.35
N TYR C 26 -16.77 -10.31 -9.24
CA TYR C 26 -17.09 -10.44 -10.68
C TYR C 26 -18.41 -11.19 -10.86
N PHE C 27 -18.61 -12.26 -10.10
CA PHE C 27 -19.82 -13.11 -10.17
C PHE C 27 -20.99 -12.37 -9.54
N GLY C 28 -20.72 -11.72 -8.40
CA GLY C 28 -21.71 -10.91 -7.66
C GLY C 28 -22.69 -11.78 -6.89
N ASP C 29 -23.89 -11.28 -6.67
CA ASP C 29 -24.97 -11.96 -5.91
C ASP C 29 -26.14 -12.16 -6.87
N VAL C 30 -26.56 -13.40 -7.12
CA VAL C 30 -27.67 -13.67 -8.10
C VAL C 30 -29.02 -13.45 -7.42
N ASN C 31 -29.04 -13.14 -6.12
CA ASN C 31 -30.26 -12.81 -5.33
C ASN C 31 -31.23 -13.99 -5.40
N HIS C 32 -30.73 -15.19 -5.09
CA HIS C 32 -31.54 -16.42 -4.95
C HIS C 32 -32.10 -16.43 -3.53
N ARG C 33 -33.24 -15.77 -3.34
CA ARG C 33 -33.88 -15.54 -2.02
C ARG C 33 -35.38 -15.60 -2.23
N PRO C 34 -36.18 -15.84 -1.17
CA PRO C 34 -37.63 -15.90 -1.31
C PRO C 34 -38.20 -14.72 -2.12
N GLY C 35 -38.96 -15.04 -3.18
CA GLY C 35 -39.67 -14.05 -4.02
C GLY C 35 -38.80 -13.48 -5.13
N GLN C 36 -37.54 -13.91 -5.25
CA GLN C 36 -36.57 -13.37 -6.24
C GLN C 36 -36.04 -14.50 -7.15
N VAL C 37 -36.45 -15.74 -6.93
CA VAL C 37 -35.94 -16.91 -7.71
C VAL C 37 -36.75 -17.00 -9.02
N VAL C 38 -36.05 -16.95 -10.15
CA VAL C 38 -36.64 -16.98 -11.52
C VAL C 38 -35.96 -18.12 -12.31
N ASP C 39 -36.75 -19.10 -12.76
CA ASP C 39 -36.26 -20.33 -13.44
C ASP C 39 -35.41 -19.93 -14.64
N GLY C 40 -34.21 -20.51 -14.76
CA GLY C 40 -33.27 -20.27 -15.88
C GLY C 40 -32.58 -18.91 -15.80
N SER C 41 -32.83 -18.14 -14.73
CA SER C 41 -32.16 -16.83 -14.47
C SER C 41 -31.18 -16.97 -13.29
N ASN C 42 -31.67 -17.34 -12.10
CA ASN C 42 -30.83 -17.43 -10.88
C ASN C 42 -31.12 -18.71 -10.09
N THR C 43 -31.64 -19.77 -10.73
CA THR C 43 -31.83 -21.07 -10.05
C THR C 43 -30.51 -21.87 -10.03
N GLY C 44 -29.72 -21.75 -11.10
CA GLY C 44 -28.72 -22.77 -11.45
C GLY C 44 -29.41 -24.05 -11.89
N GLY C 45 -28.65 -25.12 -11.98
CA GLY C 45 -29.16 -26.42 -12.41
C GLY C 45 -28.33 -27.55 -11.86
N PHE C 46 -28.97 -28.67 -11.65
CA PHE C 46 -28.32 -29.95 -11.27
C PHE C 46 -28.13 -30.79 -12.52
N ASN C 47 -27.05 -31.56 -12.49
CA ASN C 47 -26.81 -32.65 -13.48
C ASN C 47 -26.69 -33.94 -12.72
N PRO C 48 -27.55 -34.96 -12.95
CA PRO C 48 -28.63 -34.92 -13.94
C PRO C 48 -29.89 -34.15 -13.50
N GLY C 49 -30.03 -33.90 -12.20
CA GLY C 49 -31.21 -33.22 -11.65
C GLY C 49 -32.39 -34.19 -11.55
N PRO C 50 -33.60 -33.70 -11.23
CA PRO C 50 -33.85 -32.27 -11.09
C PRO C 50 -33.31 -31.59 -9.82
N PHE C 51 -33.25 -32.31 -8.69
CA PHE C 51 -32.92 -31.76 -7.35
C PHE C 51 -31.66 -32.40 -6.77
N ASP C 52 -30.99 -33.23 -7.55
CA ASP C 52 -29.83 -34.02 -7.09
C ASP C 52 -28.89 -34.20 -8.26
N GLY C 53 -27.60 -34.35 -7.99
CA GLY C 53 -26.68 -34.66 -9.08
C GLY C 53 -25.23 -34.66 -8.67
N SER C 54 -24.41 -35.02 -9.63
CA SER C 54 -22.92 -35.00 -9.53
C SER C 54 -22.44 -33.58 -9.78
N GLN C 55 -23.29 -32.70 -10.33
CA GLN C 55 -22.93 -31.27 -10.51
C GLN C 55 -24.11 -30.37 -10.13
N TYR C 56 -23.78 -29.23 -9.54
CA TYR C 56 -24.66 -28.04 -9.45
C TYR C 56 -23.90 -26.88 -10.06
N ALA C 57 -24.48 -26.22 -11.06
CA ALA C 57 -23.83 -25.17 -11.85
C ALA C 57 -24.69 -23.91 -11.85
N LEU C 58 -24.04 -22.77 -11.85
CA LEU C 58 -24.74 -21.47 -11.83
C LEU C 58 -23.91 -20.43 -12.58
N LYS C 59 -24.57 -19.69 -13.48
CA LYS C 59 -24.02 -18.52 -14.20
C LYS C 59 -24.41 -17.26 -13.42
N SER C 60 -23.50 -16.29 -13.38
CA SER C 60 -23.75 -14.93 -12.85
C SER C 60 -24.89 -14.29 -13.63
N THR C 61 -25.69 -13.44 -12.99
CA THR C 61 -26.67 -12.56 -13.66
C THR C 61 -26.02 -11.21 -13.99
N ALA C 62 -24.76 -10.98 -13.57
CA ALA C 62 -24.07 -9.68 -13.71
C ALA C 62 -22.95 -9.78 -14.76
N SER C 63 -22.41 -10.97 -15.03
CA SER C 63 -21.26 -11.20 -15.93
C SER C 63 -21.34 -12.61 -16.55
N ASP C 64 -20.33 -13.01 -17.32
CA ASP C 64 -20.22 -14.37 -17.90
C ASP C 64 -19.64 -15.36 -16.87
N ALA C 65 -19.26 -14.88 -15.68
CA ALA C 65 -18.70 -15.73 -14.61
C ALA C 65 -19.67 -16.88 -14.30
N ALA C 66 -19.12 -18.06 -14.04
CA ALA C 66 -19.91 -19.26 -13.69
C ALA C 66 -19.08 -20.18 -12.82
N PHE C 67 -19.74 -20.99 -12.01
CA PHE C 67 -19.07 -22.06 -11.26
C PHE C 67 -19.80 -23.38 -11.47
N ILE C 68 -19.04 -24.46 -11.28
CA ILE C 68 -19.59 -25.84 -11.21
C ILE C 68 -19.12 -26.47 -9.90
N ALA C 69 -20.07 -26.83 -9.05
CA ALA C 69 -19.85 -27.64 -7.84
C ALA C 69 -20.03 -29.12 -8.22
N GLY C 70 -19.05 -29.95 -7.90
CA GLY C 70 -19.08 -31.37 -8.25
C GLY C 70 -19.02 -32.25 -7.02
N GLY C 71 -19.73 -33.37 -7.05
CA GLY C 71 -19.69 -34.38 -5.98
C GLY C 71 -20.91 -35.27 -6.04
N ASP C 72 -21.65 -35.33 -4.95
CA ASP C 72 -22.91 -36.10 -4.81
C ASP C 72 -23.84 -35.20 -4.00
N LEU C 73 -24.54 -34.32 -4.70
CA LEU C 73 -25.21 -33.14 -4.10
C LEU C 73 -26.73 -33.31 -4.15
N HIS C 74 -27.38 -32.75 -3.14
CA HIS C 74 -28.83 -32.93 -2.90
C HIS C 74 -29.39 -31.60 -2.42
N TYR C 75 -30.53 -31.19 -2.97
CA TYR C 75 -31.25 -29.98 -2.51
C TYR C 75 -32.63 -30.40 -1.98
N THR C 76 -32.97 -29.94 -0.78
CA THR C 76 -34.20 -30.36 -0.08
C THR C 76 -35.45 -29.60 -0.56
N LEU C 77 -35.30 -28.44 -1.21
CA LEU C 77 -36.43 -27.55 -1.59
C LEU C 77 -37.34 -27.35 -0.36
N PHE C 78 -38.58 -27.84 -0.36
CA PHE C 78 -39.54 -27.56 0.74
C PHE C 78 -39.50 -28.67 1.79
N SER C 79 -38.72 -29.73 1.56
CA SER C 79 -38.54 -30.87 2.50
C SER C 79 -37.66 -30.40 3.67
N ASN C 80 -37.93 -30.89 4.86
CA ASN C 80 -37.21 -30.49 6.09
C ASN C 80 -35.83 -31.16 6.08
N PRO C 81 -34.73 -30.43 6.37
CA PRO C 81 -34.73 -28.98 6.57
C PRO C 81 -34.74 -28.22 5.24
N SER C 82 -35.63 -27.23 5.13
CA SER C 82 -35.92 -26.53 3.85
C SER C 82 -34.65 -25.85 3.28
N HIS C 83 -34.59 -25.84 1.95
CA HIS C 83 -33.62 -25.06 1.14
C HIS C 83 -32.20 -25.35 1.63
N THR C 84 -31.88 -26.64 1.77
CA THR C 84 -30.55 -27.12 2.18
C THR C 84 -29.89 -27.82 1.00
N LEU C 85 -28.68 -27.41 0.64
CA LEU C 85 -27.78 -28.18 -0.25
C LEU C 85 -26.84 -29.01 0.63
N TRP C 86 -26.88 -30.31 0.48
CA TRP C 86 -26.07 -31.23 1.32
C TRP C 86 -25.49 -32.35 0.45
N GLY C 87 -24.67 -33.19 1.06
CA GLY C 87 -24.02 -34.31 0.38
C GLY C 87 -22.52 -34.12 0.33
N LYS C 88 -21.91 -34.66 -0.71
CA LYS C 88 -20.44 -34.69 -0.88
C LYS C 88 -20.07 -33.59 -1.88
N LEU C 89 -19.17 -32.71 -1.49
CA LEU C 89 -18.60 -31.69 -2.39
C LEU C 89 -17.14 -32.07 -2.61
N ASP C 90 -16.85 -32.57 -3.80
CA ASP C 90 -15.50 -33.04 -4.20
C ASP C 90 -14.76 -31.91 -4.93
N SER C 91 -15.46 -31.04 -5.65
CA SER C 91 -14.79 -30.09 -6.56
C SER C 91 -15.57 -28.79 -6.74
N ILE C 92 -14.82 -27.71 -6.98
CA ILE C 92 -15.34 -26.39 -7.40
C ILE C 92 -14.50 -25.95 -8.60
N ALA C 93 -15.15 -25.72 -9.74
CA ALA C 93 -14.53 -25.16 -10.95
C ALA C 93 -15.07 -23.74 -11.14
N LEU C 94 -14.17 -22.78 -11.33
CA LEU C 94 -14.49 -21.34 -11.51
C LEU C 94 -13.98 -20.90 -12.88
N GLY C 95 -14.77 -20.06 -13.54
CA GLY C 95 -14.34 -19.47 -14.82
C GLY C 95 -15.46 -18.68 -15.43
N ASP C 96 -15.49 -18.69 -16.76
CA ASP C 96 -16.43 -17.91 -17.60
C ASP C 96 -17.14 -18.88 -18.54
N THR C 97 -18.38 -18.55 -18.90
CA THR C 97 -19.12 -19.13 -20.05
C THR C 97 -19.52 -20.57 -19.74
N LEU C 98 -20.56 -20.71 -18.93
CA LEU C 98 -21.17 -22.03 -18.63
C LEU C 98 -21.78 -22.58 -19.91
N THR C 99 -21.54 -23.85 -20.19
CA THR C 99 -22.10 -24.58 -21.35
C THR C 99 -22.70 -25.90 -20.86
N GLY C 100 -23.57 -26.49 -21.69
CA GLY C 100 -24.15 -27.82 -21.48
C GLY C 100 -25.38 -27.77 -20.58
N GLY C 101 -25.62 -28.88 -19.88
CA GLY C 101 -26.86 -29.13 -19.11
C GLY C 101 -27.11 -30.62 -19.09
N ALA C 102 -28.11 -31.07 -18.34
CA ALA C 102 -28.38 -32.52 -18.18
C ALA C 102 -28.54 -33.20 -19.55
N SER C 103 -29.16 -32.56 -20.53
CA SER C 103 -29.45 -33.19 -21.85
C SER C 103 -28.16 -33.46 -22.64
N SER C 104 -27.05 -32.80 -22.32
CA SER C 104 -25.75 -33.02 -23.01
C SER C 104 -24.71 -33.64 -22.06
N GLY C 105 -25.17 -34.26 -20.97
CA GLY C 105 -24.33 -35.08 -20.07
C GLY C 105 -23.74 -34.25 -18.95
N GLY C 106 -24.10 -32.96 -18.87
CA GLY C 106 -23.71 -32.11 -17.75
C GLY C 106 -23.11 -30.80 -18.19
N TYR C 107 -22.45 -30.16 -17.26
CA TYR C 107 -21.98 -28.77 -17.40
C TYR C 107 -20.47 -28.74 -17.62
N ALA C 108 -20.02 -27.74 -18.37
CA ALA C 108 -18.60 -27.44 -18.57
C ALA C 108 -18.45 -25.92 -18.63
N LEU C 109 -17.27 -25.44 -18.31
CA LEU C 109 -16.91 -24.01 -18.50
C LEU C 109 -16.11 -23.90 -19.80
N ASP C 110 -16.52 -22.99 -20.68
CA ASP C 110 -15.79 -22.74 -21.96
C ASP C 110 -14.39 -22.24 -21.61
N SER C 111 -14.29 -21.41 -20.57
CA SER C 111 -13.02 -20.86 -20.05
C SER C 111 -12.92 -21.20 -18.56
N GLN C 112 -12.38 -22.39 -18.27
CA GLN C 112 -12.12 -22.81 -16.87
C GLN C 112 -10.81 -22.16 -16.44
N GLU C 113 -10.85 -21.35 -15.38
CA GLU C 113 -9.69 -20.57 -14.91
C GLU C 113 -9.01 -21.31 -13.76
N VAL C 114 -9.79 -21.74 -12.77
CA VAL C 114 -9.23 -22.37 -11.54
C VAL C 114 -10.19 -23.49 -11.13
N SER C 115 -9.63 -24.64 -10.75
CA SER C 115 -10.47 -25.71 -10.14
C SER C 115 -9.77 -26.23 -8.88
N PHE C 116 -10.58 -26.60 -7.91
CA PHE C 116 -10.16 -27.24 -6.65
C PHE C 116 -10.86 -28.59 -6.60
N SER C 117 -10.08 -29.67 -6.53
N SER C 117 -10.12 -29.68 -6.56
CA SER C 117 -10.57 -31.06 -6.59
CA SER C 117 -10.69 -31.04 -6.55
C SER C 117 -10.12 -31.83 -5.34
C SER C 117 -10.12 -31.84 -5.37
N ASN C 118 -10.74 -32.99 -5.09
CA ASN C 118 -10.42 -33.84 -3.93
C ASN C 118 -10.67 -33.06 -2.63
N LEU C 119 -11.75 -32.27 -2.57
CA LEU C 119 -12.04 -31.42 -1.38
C LEU C 119 -12.47 -32.32 -0.21
N GLY C 120 -13.13 -33.45 -0.49
CA GLY C 120 -13.54 -34.42 0.54
C GLY C 120 -14.52 -33.84 1.55
N LEU C 121 -15.30 -32.83 1.16
CA LEU C 121 -16.31 -32.22 2.08
C LEU C 121 -17.57 -33.10 2.01
N ASP C 122 -18.17 -33.36 3.17
CA ASP C 122 -19.36 -34.24 3.30
C ASP C 122 -20.23 -33.66 4.41
N SER C 123 -21.40 -33.14 4.06
CA SER C 123 -22.34 -32.51 5.01
C SER C 123 -23.62 -33.34 5.03
N PRO C 124 -24.03 -33.86 6.21
CA PRO C 124 -25.26 -34.63 6.31
C PRO C 124 -26.48 -33.69 6.27
N ILE C 125 -27.63 -34.24 5.85
CA ILE C 125 -28.90 -33.49 5.72
C ILE C 125 -29.28 -32.86 7.08
N ALA C 126 -29.00 -33.53 8.20
CA ALA C 126 -29.42 -33.10 9.55
C ALA C 126 -28.77 -31.75 9.95
N GLN C 127 -27.68 -31.33 9.31
CA GLN C 127 -27.02 -30.04 9.64
C GLN C 127 -27.76 -28.89 8.94
N GLY C 128 -28.67 -29.22 8.02
CA GLY C 128 -29.41 -28.21 7.24
C GLY C 128 -28.47 -27.15 6.68
N ARG C 129 -28.86 -25.88 6.80
CA ARG C 129 -28.17 -24.73 6.17
C ARG C 129 -26.91 -24.38 6.94
N ASP C 130 -26.64 -25.07 8.06
CA ASP C 130 -25.40 -24.91 8.86
C ASP C 130 -24.31 -25.84 8.32
N GLY C 131 -24.63 -26.72 7.37
CA GLY C 131 -23.66 -27.64 6.75
C GLY C 131 -22.58 -26.87 6.02
N THR C 132 -21.34 -27.35 6.08
CA THR C 132 -20.19 -26.74 5.36
C THR C 132 -20.47 -26.70 3.85
N VAL C 133 -20.98 -27.77 3.27
CA VAL C 133 -21.26 -27.84 1.81
C VAL C 133 -22.23 -26.70 1.45
N HIS C 134 -23.30 -26.56 2.22
CA HIS C 134 -24.32 -25.52 2.00
C HIS C 134 -23.64 -24.13 2.06
N LYS C 135 -22.89 -23.86 3.12
CA LYS C 135 -22.27 -22.53 3.34
C LYS C 135 -21.25 -22.24 2.23
N VAL C 136 -20.46 -23.22 1.84
CA VAL C 136 -19.42 -23.00 0.79
C VAL C 136 -20.12 -22.59 -0.51
N VAL C 137 -21.08 -23.39 -0.95
CA VAL C 137 -21.69 -23.16 -2.29
C VAL C 137 -22.60 -21.93 -2.23
N TYR C 138 -23.34 -21.71 -1.13
CA TYR C 138 -24.24 -20.55 -1.03
C TYR C 138 -23.40 -19.26 -1.08
N GLY C 139 -22.20 -19.27 -0.50
CA GLY C 139 -21.28 -18.14 -0.60
C GLY C 139 -21.01 -17.75 -2.04
N LEU C 140 -20.76 -18.75 -2.90
CA LEU C 140 -20.44 -18.51 -4.33
C LEU C 140 -21.66 -17.90 -5.03
N MET C 141 -22.87 -18.26 -4.60
N MET C 141 -22.87 -18.31 -4.64
CA MET C 141 -24.14 -17.81 -5.21
CA MET C 141 -24.17 -17.77 -5.16
C MET C 141 -24.41 -16.34 -4.80
C MET C 141 -24.24 -16.27 -4.88
N SER C 142 -23.90 -15.91 -3.64
CA SER C 142 -24.35 -14.65 -2.99
C SER C 142 -23.22 -13.63 -2.83
N GLY C 143 -22.08 -13.84 -3.50
CA GLY C 143 -21.01 -12.83 -3.62
C GLY C 143 -20.06 -12.82 -2.43
N ASP C 144 -19.97 -13.93 -1.70
CA ASP C 144 -19.07 -14.02 -0.50
C ASP C 144 -18.38 -15.39 -0.50
N SER C 145 -17.11 -15.45 -0.91
CA SER C 145 -16.37 -16.73 -1.03
C SER C 145 -15.59 -17.07 0.26
N SER C 146 -15.90 -16.40 1.38
N SER C 146 -15.90 -16.43 1.40
CA SER C 146 -15.23 -16.60 2.70
CA SER C 146 -15.15 -16.62 2.67
C SER C 146 -15.23 -18.08 3.09
C SER C 146 -15.24 -18.08 3.15
N ALA C 147 -16.40 -18.74 3.00
CA ALA C 147 -16.54 -20.15 3.44
C ALA C 147 -15.62 -21.04 2.58
N LEU C 148 -15.63 -20.86 1.26
CA LEU C 148 -14.74 -21.64 0.36
C LEU C 148 -13.29 -21.32 0.71
N GLN C 149 -12.95 -20.05 0.89
CA GLN C 149 -11.57 -19.64 1.22
C GLN C 149 -11.13 -20.38 2.50
N GLY C 150 -11.98 -20.42 3.52
CA GLY C 150 -11.67 -21.08 4.79
C GLY C 150 -11.38 -22.56 4.60
N GLN C 151 -12.19 -23.24 3.79
CA GLN C 151 -12.02 -24.69 3.55
C GLN C 151 -10.73 -24.95 2.76
N ILE C 152 -10.45 -24.16 1.71
N ILE C 152 -10.45 -24.17 1.72
CA ILE C 152 -9.21 -24.35 0.92
CA ILE C 152 -9.20 -24.35 0.91
C ILE C 152 -8.00 -24.10 1.84
C ILE C 152 -7.98 -24.07 1.80
N ASP C 153 -8.06 -23.05 2.66
CA ASP C 153 -6.96 -22.73 3.61
C ASP C 153 -6.72 -23.93 4.53
N ALA C 154 -7.77 -24.53 5.09
CA ALA C 154 -7.66 -25.71 5.97
C ALA C 154 -7.02 -26.87 5.20
N LEU C 155 -7.47 -27.13 3.98
CA LEU C 155 -6.93 -28.26 3.17
C LEU C 155 -5.46 -28.01 2.84
N LEU C 156 -5.08 -26.79 2.46
CA LEU C 156 -3.68 -26.49 2.09
C LEU C 156 -2.76 -26.65 3.31
N LYS C 157 -3.21 -26.20 4.48
CA LYS C 157 -2.41 -26.29 5.73
C LYS C 157 -2.23 -27.75 6.14
N ALA C 158 -3.18 -28.62 5.77
CA ALA C 158 -3.07 -30.08 6.04
C ALA C 158 -2.16 -30.76 5.01
N VAL C 159 -1.89 -30.13 3.86
CA VAL C 159 -0.95 -30.69 2.85
C VAL C 159 0.48 -30.32 3.20
N ASP C 160 0.71 -29.09 3.64
CA ASP C 160 2.09 -28.55 3.81
C ASP C 160 1.98 -27.29 4.63
N PRO C 161 2.64 -27.23 5.81
CA PRO C 161 2.46 -26.10 6.72
C PRO C 161 2.98 -24.76 6.17
N SER C 162 3.75 -24.77 5.08
CA SER C 162 4.22 -23.53 4.40
C SER C 162 3.16 -22.99 3.43
N LEU C 163 2.07 -23.73 3.18
CA LEU C 163 1.03 -23.33 2.20
C LEU C 163 -0.19 -22.75 2.91
N SER C 164 -0.90 -21.86 2.21
CA SER C 164 -2.17 -21.26 2.68
C SER C 164 -2.86 -20.62 1.47
N ILE C 165 -4.03 -20.04 1.68
CA ILE C 165 -4.72 -19.31 0.57
C ILE C 165 -3.93 -18.05 0.21
N ASN C 166 -2.92 -17.67 1.00
CA ASN C 166 -2.04 -16.52 0.64
C ASN C 166 -0.88 -16.98 -0.25
N SER C 167 -0.75 -18.28 -0.52
CA SER C 167 0.21 -18.84 -1.51
C SER C 167 -0.26 -18.45 -2.91
N THR C 168 0.68 -18.21 -3.82
CA THR C 168 0.38 -18.02 -5.26
C THR C 168 0.18 -19.40 -5.88
N PHE C 169 -0.52 -19.46 -7.00
CA PHE C 169 -0.72 -20.72 -7.76
C PHE C 169 0.64 -21.30 -8.15
N ASP C 170 1.59 -20.45 -8.54
CA ASP C 170 2.97 -20.90 -8.87
C ASP C 170 3.60 -21.58 -7.65
N GLN C 171 3.48 -20.98 -6.46
CA GLN C 171 4.03 -21.55 -5.20
C GLN C 171 3.35 -22.91 -4.95
N LEU C 172 2.04 -23.01 -5.19
CA LEU C 172 1.31 -24.29 -4.99
C LEU C 172 1.78 -25.33 -6.02
N ALA C 173 2.13 -24.89 -7.22
CA ALA C 173 2.67 -25.80 -8.27
C ALA C 173 4.04 -26.30 -7.83
N ALA C 174 4.91 -25.41 -7.35
CA ALA C 174 6.26 -25.74 -6.85
C ALA C 174 6.13 -26.79 -5.73
N ALA C 175 5.08 -26.67 -4.92
CA ALA C 175 4.83 -27.52 -3.73
C ALA C 175 4.12 -28.82 -4.11
N GLY C 176 3.73 -29.01 -5.38
CA GLY C 176 3.17 -30.28 -5.90
C GLY C 176 1.66 -30.40 -5.70
N VAL C 177 0.97 -29.31 -5.39
CA VAL C 177 -0.50 -29.30 -5.13
C VAL C 177 -1.25 -28.87 -6.39
N ALA C 178 -0.65 -27.98 -7.18
CA ALA C 178 -1.32 -27.31 -8.31
C ALA C 178 -0.61 -27.64 -9.62
N HIS C 179 -1.35 -27.52 -10.72
N HIS C 179 -1.35 -27.60 -10.73
CA HIS C 179 -0.95 -27.82 -12.11
CA HIS C 179 -0.78 -27.77 -12.10
C HIS C 179 -1.43 -26.69 -13.01
C HIS C 179 -1.40 -26.73 -13.03
N ALA C 180 -0.56 -26.07 -13.81
CA ALA C 180 -0.93 -24.99 -14.75
C ALA C 180 -1.63 -25.60 -15.97
N THR C 181 -2.64 -24.91 -16.51
CA THR C 181 -3.33 -25.27 -17.77
C THR C 181 -3.16 -24.11 -18.75
N PRO C 182 -3.40 -24.30 -20.06
CA PRO C 182 -3.24 -23.23 -21.06
C PRO C 182 -4.06 -21.98 -20.73
N ALA C 183 -3.56 -20.81 -21.13
CA ALA C 183 -4.12 -19.47 -20.83
C ALA C 183 -5.50 -19.31 -21.48
CAJ J83 D . 14.18 24.58 1.78
CAH J83 D . 12.63 22.73 2.14
CAL J83 D . 15.66 26.24 1.79
CAK J83 D . 14.83 25.52 1.02
CAM J83 D . 15.54 25.77 3.08
CAR J83 D . 15.57 24.46 7.19
CAT J83 D . 14.04 22.57 7.55
CAU J83 D . 13.36 21.69 8.34
CAV J83 D . 12.49 21.02 7.55
CAW J83 D . 12.61 21.47 6.27
CAY J83 D . 12.90 23.62 -0.09
CAZ J83 D . 13.45 22.68 -0.96
CBA J83 D . 13.11 22.60 -2.31
CBB J83 D . 12.19 23.52 -2.83
CBC J83 D . 11.65 24.49 -1.98
CBD J83 D . 12.00 24.53 -0.62
CBV J83 D . 9.54 20.24 5.32
CBU J83 D . 8.59 19.22 5.55
CBT J83 D . 9.02 17.95 5.89
CBS J83 D . 10.37 17.69 5.96
CBR J83 D . 11.29 18.71 5.75
CBQ J83 D . 10.89 19.98 5.41
CAD J83 D . 11.91 21.06 5.17
NAX J83 D . 13.56 22.44 6.28
CAC J83 D . 14.99 23.48 7.95
CBK J83 D . 15.46 23.37 9.35
CBP J83 D . 16.03 22.16 9.79
CBO J83 D . 16.51 22.04 11.10
CBN J83 D . 16.43 23.13 11.97
CBM J83 D . 15.88 24.33 11.54
CBL J83 D . 15.39 24.43 10.24
CO J83 D . 14.13 23.57 4.67
NAI J83 D . 12.82 22.55 3.49
CAG J83 D . 11.69 21.82 1.73
CAF J83 D . 11.33 21.09 2.79
CAE J83 D . 12.00 21.54 3.89
NAS J83 D . 15.36 24.67 5.86
CAQ J83 D . 16.46 25.41 7.60
CAP J83 D . 16.79 26.18 6.55
CAO J83 D . 16.12 25.72 5.45
CAB J83 D . 16.21 26.21 4.18
CBE J83 D . 17.23 27.30 4.00
CBJ J83 D . 16.88 28.57 3.54
CBI J83 D . 17.83 29.57 3.41
CBH J83 D . 19.16 29.34 3.72
CBG J83 D . 19.54 28.09 4.16
CBF J83 D . 18.57 27.08 4.31
NAN J83 D . 14.64 24.75 3.06
CAA J83 D . 13.27 23.66 1.36
C3' NHE E . 30.07 9.51 17.00
C2' NHE E . 29.37 8.18 16.85
C1' NHE E . 30.15 7.07 17.56
C6' NHE E . 30.46 7.44 19.02
N NHE E . 29.43 5.81 17.47
C1 NHE E . 29.03 5.21 16.19
C2 NHE E . 30.21 4.84 15.28
S NHE E . 31.03 3.56 15.95
O1 NHE E . 32.44 3.37 15.17
O2 NHE E . 31.27 3.83 17.35
O3 NHE E . 30.24 2.37 15.82
C5' NHE E . 31.05 8.83 19.18
C4' NHE E . 30.20 9.89 18.47
C1 GOL F . 17.32 32.96 0.77
O1 GOL F . 18.65 32.54 1.07
C2 GOL F . 16.43 31.78 0.46
O2 GOL F . 16.19 31.77 -0.96
C3 GOL F . 15.14 31.76 1.24
O3 GOL F . 15.22 32.44 2.49
P PO4 G . 30.10 15.86 5.49
O1 PO4 G . 30.32 17.16 6.25
O2 PO4 G . 31.06 14.77 6.01
O3 PO4 G . 30.35 16.09 4.00
O4 PO4 G . 28.68 15.40 5.69
P PO4 H . 11.43 32.55 0.95
O1 PO4 H . 12.43 33.16 1.94
O2 PO4 H . 10.28 33.54 0.70
O3 PO4 H . 12.14 32.27 -0.36
O4 PO4 H . 10.86 31.25 1.52
CAJ J83 I . -2.42 19.17 1.52
CAH J83 I . -0.06 18.54 1.41
CAL J83 I . -4.57 19.64 1.33
CAK J83 I . -3.50 19.76 2.12
CAM J83 I . -4.18 18.99 0.20
CAR J83 I . -3.32 16.95 -3.50
CAT J83 I . -0.96 16.34 -3.64
CAU J83 I . 0.13 15.90 -4.32
CAV J83 I . 1.22 16.07 -3.53
CAW J83 I . 0.80 16.63 -2.36
CAY J83 I . -0.99 19.66 3.40
CAZ J83 I . -1.67 19.09 4.49
CBA J83 I . -1.55 19.61 5.78
CBB J83 I . -0.75 20.73 6.01
CBC J83 I . -0.07 21.31 4.94
CBD J83 I . -0.20 20.78 3.64
CBV J83 I . 3.98 17.67 -1.43
CBU J83 I . 5.33 17.35 -1.51
CBT J83 I . 5.75 16.03 -1.55
CBS J83 I . 4.79 15.01 -1.53
CBR J83 I . 3.45 15.33 -1.46
CBQ J83 I . 3.03 16.66 -1.40
CAD J83 I . 1.58 16.98 -1.30
NAX J83 I . -0.55 16.82 -2.45
CAC J83 I . -2.24 16.38 -4.10
CBK J83 I . -2.54 15.73 -5.41
CBP J83 I . -2.27 14.38 -5.61
CBO J83 I . -2.58 13.77 -6.82
CBN J83 I . -3.17 14.50 -7.83
CBM J83 I . -3.44 15.85 -7.66
CBL J83 I . -3.12 16.47 -6.45
CO J83 I . -1.72 17.73 -1.06
NAI J83 I . -0.06 17.98 0.16
CAG J83 I . 1.21 18.43 1.90
CAF J83 I . 1.96 17.84 0.97
CAE J83 I . 1.20 17.57 -0.13
NAS J83 I . -3.33 17.57 -2.29
CAQ J83 I . -4.59 17.03 -3.99
CAP J83 I . -5.35 17.66 -3.09
CAO J83 I . -4.58 18.01 -2.01
CAB J83 I . -4.97 18.66 -0.88
CBE J83 I . -6.42 18.97 -0.74
CBJ J83 I . -6.91 20.29 -0.67
CBI J83 I . -8.28 20.55 -0.50
CBH J83 I . -9.19 19.50 -0.42
CBG J83 I . -8.71 18.19 -0.46
CBF J83 I . -7.35 17.93 -0.63
NAN J83 I . -2.85 18.72 0.32
CAA J83 I . -1.16 19.08 2.02
S CXS J . -0.43 -10.41 -10.50
O1 CXS J . -0.75 -9.37 -11.74
O2 CXS J . 0.62 -9.89 -9.65
O3 CXS J . 0.02 -11.66 -11.06
C1 CXS J . -1.82 -10.63 -9.64
C2 CXS J . -2.27 -9.38 -8.88
C3 CXS J . -3.68 -9.58 -8.32
N CXS J . -4.32 -8.38 -7.85
C4 CXS J . -4.61 -7.24 -8.73
C5 CXS J . -5.84 -7.50 -9.59
C6 CXS J . -6.08 -6.36 -10.56
C7 CXS J . -6.23 -5.03 -9.83
C8 CXS J . -5.11 -4.78 -8.80
C9 CXS J . -4.86 -6.00 -7.91
S CXS K . 7.54 9.65 0.39
O1 CXS K . 7.53 8.84 -1.05
O2 CXS K . 8.42 9.04 1.34
O3 CXS K . 6.20 9.67 0.94
C1 CXS K . 8.04 11.21 0.11
C2 CXS K . 7.58 12.13 1.23
C3 CXS K . 8.45 13.37 1.22
N CXS K . 8.16 14.29 2.31
C4 CXS K . 7.76 15.64 2.00
C5 CXS K . 6.55 16.07 2.80
C6 CXS K . 6.12 17.49 2.45
C7 CXS K . 7.24 18.49 2.24
C8 CXS K . 8.55 17.95 1.69
C9 CXS K . 8.91 16.59 2.25
S CXS L . 3.07 30.27 0.40
O1 CXS L . 3.99 31.37 0.32
O2 CXS L . 3.90 28.91 0.60
O3 CXS L . 2.26 30.18 -0.80
C1 CXS L . 2.10 30.48 1.78
C2 CXS L . 1.09 31.58 1.57
C3 CXS L . -0.26 31.06 1.05
N CXS L . -1.21 32.17 0.98
C4 CXS L . -2.36 32.28 0.08
C5 CXS L . -2.58 31.06 -0.80
C6 CXS L . -3.84 31.11 -1.64
C7 CXS L . -5.08 31.43 -0.81
C8 CXS L . -4.87 32.68 0.04
C9 CXS L . -3.62 32.56 0.90
C1 GOL M . 14.61 2.63 -9.22
O1 GOL M . 14.00 3.09 -10.42
C2 GOL M . 16.11 2.84 -9.27
O2 GOL M . 16.46 3.49 -10.50
C3 GOL M . 16.91 1.56 -9.15
O3 GOL M . 17.48 1.41 -7.84
P PO4 N . -2.07 -5.94 -3.47
O1 PO4 N . -0.92 -5.28 -4.24
O2 PO4 N . -1.95 -5.58 -1.99
O3 PO4 N . -1.99 -7.46 -3.63
O4 PO4 N . -3.40 -5.43 -4.00
CAJ J83 O . -36.06 -21.08 -3.29
CAH J83 O . -35.88 -22.60 -5.18
CAL J83 O . -35.85 -19.75 -1.56
CAK J83 O . -36.68 -20.14 -2.54
CAM J83 O . -34.69 -20.43 -1.69
CAR J83 O . -30.78 -22.19 -1.99
CAT J83 O . -30.59 -23.62 -3.97
CAU J83 O . -29.92 -24.47 -4.79
CAV J83 O . -30.77 -24.88 -5.73
CAW J83 O . -31.97 -24.29 -5.54
CAY J83 O . -37.98 -21.45 -4.72
CAZ J83 O . -38.33 -20.95 -5.98
CBA J83 O . -39.66 -20.71 -6.32
CBB J83 O . -40.68 -20.96 -5.39
CBC J83 O . -40.34 -21.44 -4.12
CBD J83 O . -39.01 -21.69 -3.80
CBV J83 O . -33.71 -26.59 -7.44
CBU J83 O . -33.60 -27.44 -8.53
CBT J83 O . -32.80 -27.09 -9.62
CBS J83 O . -32.11 -25.89 -9.60
CBR J83 O . -32.23 -25.05 -8.51
CBQ J83 O . -33.00 -25.38 -7.42
CAD J83 O . -33.09 -24.45 -6.28
NAX J83 O . -31.86 -23.51 -4.44
CAC J83 O . -30.11 -23.00 -2.86
CBK J83 O . -28.67 -23.21 -2.54
CBP J83 O . -27.68 -22.82 -3.47
CBO J83 O . -26.34 -22.97 -3.20
CBN J83 O . -25.94 -23.52 -1.99
CBM J83 O . -26.91 -23.90 -1.08
CBL J83 O . -28.26 -23.77 -1.35
CO J83 O . -33.32 -22.36 -3.64
NAI J83 O . -34.57 -22.98 -5.06
CAG J83 O . -36.38 -23.27 -6.24
CAF J83 O . -35.42 -24.03 -6.76
CAE J83 O . -34.29 -23.85 -6.06
NAS J83 O . -32.06 -21.79 -2.12
CAQ J83 O . -30.33 -21.66 -0.84
CAP J83 O . -31.31 -20.92 -0.31
CAO J83 O . -32.39 -20.97 -1.11
CAB J83 O . -33.58 -20.34 -0.92
CBE J83 O . -33.63 -19.43 0.27
CBJ J83 O . -34.48 -19.67 1.34
CBI J83 O . -34.51 -18.82 2.45
CBH J83 O . -33.67 -17.71 2.48
CBG J83 O . -32.80 -17.46 1.42
CBF J83 O . -32.78 -18.32 0.32
NAN J83 O . -34.82 -21.22 -2.80
CAA J83 O . -36.54 -21.72 -4.38
C1 GOL P . -24.83 -38.06 -0.24
O1 GOL P . -25.42 -39.01 -1.12
C2 GOL P . -23.72 -38.69 0.57
O2 GOL P . -24.22 -39.85 1.25
C3 GOL P . -23.08 -37.74 1.56
O3 GOL P . -23.98 -37.35 2.59
P PO4 Q . -26.13 -23.38 -20.06
O1 PO4 Q . -25.75 -21.90 -20.01
O2 PO4 Q . -25.32 -24.16 -19.04
O3 PO4 Q . -25.84 -23.93 -21.46
O4 PO4 Q . -27.61 -23.53 -19.76
P PO4 R . 2.13 -18.35 3.09
O1 PO4 R . 3.50 -17.92 2.54
O2 PO4 R . 1.48 -17.15 3.79
O3 PO4 R . 1.26 -18.81 1.94
O4 PO4 R . 2.32 -19.48 4.08
#